data_3A03
# 
_entry.id   3A03 
# 
_audit_conform.dict_name       mmcif_pdbx.dic 
_audit_conform.dict_version    5.388 
_audit_conform.dict_location   http://mmcif.pdb.org/dictionaries/ascii/mmcif_pdbx.dic 
# 
loop_
_database_2.database_id 
_database_2.database_code 
_database_2.pdbx_database_accession 
_database_2.pdbx_DOI 
PDB   3A03         pdb_00003a03 10.2210/pdb3a03/pdb 
RCSB  RCSB028642   ?            ?                   
WWPDB D_1000028642 ?            ?                   
# 
loop_
_pdbx_audit_revision_history.ordinal 
_pdbx_audit_revision_history.data_content_type 
_pdbx_audit_revision_history.major_revision 
_pdbx_audit_revision_history.minor_revision 
_pdbx_audit_revision_history.revision_date 
1 'Structure model' 1 0 2010-03-09 
2 'Structure model' 1 1 2011-07-13 
3 'Structure model' 1 2 2024-03-13 
# 
_pdbx_audit_revision_details.ordinal             1 
_pdbx_audit_revision_details.revision_ordinal    1 
_pdbx_audit_revision_details.data_content_type   'Structure model' 
_pdbx_audit_revision_details.provider            repository 
_pdbx_audit_revision_details.type                'Initial release' 
_pdbx_audit_revision_details.description         ? 
_pdbx_audit_revision_details.details             ? 
# 
loop_
_pdbx_audit_revision_group.ordinal 
_pdbx_audit_revision_group.revision_ordinal 
_pdbx_audit_revision_group.data_content_type 
_pdbx_audit_revision_group.group 
1 2 'Structure model' 'Version format compliance' 
2 3 'Structure model' 'Data collection'           
3 3 'Structure model' 'Database references'       
4 3 'Structure model' 'Derived calculations'      
# 
loop_
_pdbx_audit_revision_category.ordinal 
_pdbx_audit_revision_category.revision_ordinal 
_pdbx_audit_revision_category.data_content_type 
_pdbx_audit_revision_category.category 
1 3 'Structure model' chem_comp_atom     
2 3 'Structure model' chem_comp_bond     
3 3 'Structure model' database_2         
4 3 'Structure model' struct_ref_seq_dif 
5 3 'Structure model' struct_site        
# 
loop_
_pdbx_audit_revision_item.ordinal 
_pdbx_audit_revision_item.revision_ordinal 
_pdbx_audit_revision_item.data_content_type 
_pdbx_audit_revision_item.item 
1 3 'Structure model' '_database_2.pdbx_DOI'                
2 3 'Structure model' '_database_2.pdbx_database_accession' 
3 3 'Structure model' '_struct_ref_seq_dif.details'         
4 3 'Structure model' '_struct_site.pdbx_auth_asym_id'      
5 3 'Structure model' '_struct_site.pdbx_auth_comp_id'      
6 3 'Structure model' '_struct_site.pdbx_auth_seq_id'       
# 
_pdbx_database_status.entry_id                        3A03 
_pdbx_database_status.deposit_site                    PDBJ 
_pdbx_database_status.process_site                    PDBJ 
_pdbx_database_status.recvd_initial_deposition_date   2009-02-28 
_pdbx_database_status.status_code                     REL 
_pdbx_database_status.status_code_sf                  REL 
_pdbx_database_status.status_code_mr                  ? 
_pdbx_database_status.SG_entry                        ? 
_pdbx_database_status.pdb_format_compatible           Y 
_pdbx_database_status.status_code_cs                  ? 
_pdbx_database_status.status_code_nmr_data            ? 
_pdbx_database_status.methods_development_category    ? 
# 
loop_
_pdbx_database_related.db_name 
_pdbx_database_related.db_id 
_pdbx_database_related.details 
_pdbx_database_related.content_type 
PDB 3A01 'Aristaless and Clawless homeodomains bound to DNA' unspecified 
PDB 3A02 'Aristaless homeodomain'                            unspecified 
# 
loop_
_audit_author.name 
_audit_author.pdbx_ordinal 
'Miyazono, K.' 1 
'Nagata, K.'   2 
'Saigo, K.'    3 
'Kojima, T.'   4 
'Tanokura, M.' 5 
# 
_citation.id                        primary 
_citation.title                     'Cooperative DNA-binding and sequence-recognition mechanism of aristaless and clawless' 
_citation.journal_abbrev            'Embo J.' 
_citation.journal_volume            29 
_citation.page_first                1613 
_citation.page_last                 1623 
_citation.year                      2010 
_citation.journal_id_ASTM           EMJODG 
_citation.country                   UK 
_citation.journal_id_ISSN           0261-4189 
_citation.journal_id_CSD            0897 
_citation.book_publisher            ? 
_citation.pdbx_database_id_PubMed   20389279 
_citation.pdbx_database_id_DOI      10.1038/emboj.2010.53 
# 
loop_
_citation_author.citation_id 
_citation_author.name 
_citation_author.ordinal 
_citation_author.identifier_ORCID 
primary 'Miyazono, K.' 1 ? 
primary 'Zhi, Y.'      2 ? 
primary 'Takamura, Y.' 3 ? 
primary 'Nagata, K.'   4 ? 
primary 'Saigo, K.'    5 ? 
primary 'Kojima, T.'   6 ? 
primary 'Tanokura, M.' 7 ? 
# 
loop_
_entity.id 
_entity.type 
_entity.src_method 
_entity.pdbx_description 
_entity.formula_weight 
_entity.pdbx_number_of_molecules 
_entity.pdbx_ec 
_entity.pdbx_mutation 
_entity.pdbx_fragment 
_entity.details 
1 polymer     man 'T-cell leukemia homeobox protein 2' 6831.938 1   ? ? 'Homeobox, residues 162-216' ? 
2 non-polymer syn 'SODIUM ION'                         22.990   1   ? ? ?                            ? 
3 non-polymer syn 'SULFATE ION'                        96.063   2   ? ? ?                            ? 
4 water       nat water                                18.015   106 ? ? ?                            ? 
# 
_entity_name_com.entity_id   1 
_entity_name_com.name        'Homeobox protein Hox-11L1, Neural corest homeobox protein' 
# 
_entity_poly.entity_id                      1 
_entity_poly.type                           'polypeptide(L)' 
_entity_poly.nstd_linkage                   no 
_entity_poly.nstd_monomer                   no 
_entity_poly.pdbx_seq_one_letter_code       MTSFSRSQVLELERRFLRQKYLASAERAALAKALRMTDAQVKTWFQNRRTKWRRQT 
_entity_poly.pdbx_seq_one_letter_code_can   MTSFSRSQVLELERRFLRQKYLASAERAALAKALRMTDAQVKTWFQNRRTKWRRQT 
_entity_poly.pdbx_strand_id                 A 
_entity_poly.pdbx_target_identifier         ? 
# 
loop_
_pdbx_entity_nonpoly.entity_id 
_pdbx_entity_nonpoly.name 
_pdbx_entity_nonpoly.comp_id 
2 'SODIUM ION'  NA  
3 'SULFATE ION' SO4 
4 water         HOH 
# 
loop_
_entity_poly_seq.entity_id 
_entity_poly_seq.num 
_entity_poly_seq.mon_id 
_entity_poly_seq.hetero 
1 1  MET n 
1 2  THR n 
1 3  SER n 
1 4  PHE n 
1 5  SER n 
1 6  ARG n 
1 7  SER n 
1 8  GLN n 
1 9  VAL n 
1 10 LEU n 
1 11 GLU n 
1 12 LEU n 
1 13 GLU n 
1 14 ARG n 
1 15 ARG n 
1 16 PHE n 
1 17 LEU n 
1 18 ARG n 
1 19 GLN n 
1 20 LYS n 
1 21 TYR n 
1 22 LEU n 
1 23 ALA n 
1 24 SER n 
1 25 ALA n 
1 26 GLU n 
1 27 ARG n 
1 28 ALA n 
1 29 ALA n 
1 30 LEU n 
1 31 ALA n 
1 32 LYS n 
1 33 ALA n 
1 34 LEU n 
1 35 ARG n 
1 36 MET n 
1 37 THR n 
1 38 ASP n 
1 39 ALA n 
1 40 GLN n 
1 41 VAL n 
1 42 LYS n 
1 43 THR n 
1 44 TRP n 
1 45 PHE n 
1 46 GLN n 
1 47 ASN n 
1 48 ARG n 
1 49 ARG n 
1 50 THR n 
1 51 LYS n 
1 52 TRP n 
1 53 ARG n 
1 54 ARG n 
1 55 GLN n 
1 56 THR n 
# 
_entity_src_gen.entity_id                          1 
_entity_src_gen.pdbx_src_id                        1 
_entity_src_gen.pdbx_alt_source_flag               sample 
_entity_src_gen.pdbx_seq_type                      ? 
_entity_src_gen.pdbx_beg_seq_num                   ? 
_entity_src_gen.pdbx_end_seq_num                   ? 
_entity_src_gen.gene_src_common_name               Human 
_entity_src_gen.gene_src_genus                     ? 
_entity_src_gen.pdbx_gene_src_gene                 'TLX2, HOX11L1, NCX' 
_entity_src_gen.gene_src_species                   ? 
_entity_src_gen.gene_src_strain                    ? 
_entity_src_gen.gene_src_tissue                    ? 
_entity_src_gen.gene_src_tissue_fraction           ? 
_entity_src_gen.gene_src_details                   ? 
_entity_src_gen.pdbx_gene_src_fragment             ? 
_entity_src_gen.pdbx_gene_src_scientific_name      'Homo sapiens' 
_entity_src_gen.pdbx_gene_src_ncbi_taxonomy_id     9606 
_entity_src_gen.pdbx_gene_src_variant              ? 
_entity_src_gen.pdbx_gene_src_cell_line            ? 
_entity_src_gen.pdbx_gene_src_atcc                 ? 
_entity_src_gen.pdbx_gene_src_organ                ? 
_entity_src_gen.pdbx_gene_src_organelle            ? 
_entity_src_gen.pdbx_gene_src_cell                 ? 
_entity_src_gen.pdbx_gene_src_cellular_location    ? 
_entity_src_gen.host_org_common_name               ? 
_entity_src_gen.pdbx_host_org_scientific_name      'Escherichia coli' 
_entity_src_gen.pdbx_host_org_ncbi_taxonomy_id     562 
_entity_src_gen.host_org_genus                     ? 
_entity_src_gen.pdbx_host_org_gene                 ? 
_entity_src_gen.pdbx_host_org_organ                ? 
_entity_src_gen.host_org_species                   ? 
_entity_src_gen.pdbx_host_org_tissue               ? 
_entity_src_gen.pdbx_host_org_tissue_fraction      ? 
_entity_src_gen.pdbx_host_org_strain               ? 
_entity_src_gen.pdbx_host_org_variant              ? 
_entity_src_gen.pdbx_host_org_cell_line            ? 
_entity_src_gen.pdbx_host_org_atcc                 ? 
_entity_src_gen.pdbx_host_org_culture_collection   ? 
_entity_src_gen.pdbx_host_org_cell                 ? 
_entity_src_gen.pdbx_host_org_organelle            ? 
_entity_src_gen.pdbx_host_org_cellular_location    ? 
_entity_src_gen.pdbx_host_org_vector_type          ? 
_entity_src_gen.pdbx_host_org_vector               ? 
_entity_src_gen.host_org_details                   ? 
_entity_src_gen.expression_system_id               ? 
_entity_src_gen.plasmid_name                       ? 
_entity_src_gen.plasmid_details                    ? 
_entity_src_gen.pdbx_description                   ? 
# 
loop_
_chem_comp.id 
_chem_comp.type 
_chem_comp.mon_nstd_flag 
_chem_comp.name 
_chem_comp.pdbx_synonyms 
_chem_comp.formula 
_chem_comp.formula_weight 
ALA 'L-peptide linking' y ALANINE         ? 'C3 H7 N O2'     89.093  
ARG 'L-peptide linking' y ARGININE        ? 'C6 H15 N4 O2 1' 175.209 
ASN 'L-peptide linking' y ASPARAGINE      ? 'C4 H8 N2 O3'    132.118 
ASP 'L-peptide linking' y 'ASPARTIC ACID' ? 'C4 H7 N O4'     133.103 
GLN 'L-peptide linking' y GLUTAMINE       ? 'C5 H10 N2 O3'   146.144 
GLU 'L-peptide linking' y 'GLUTAMIC ACID' ? 'C5 H9 N O4'     147.129 
HOH non-polymer         . WATER           ? 'H2 O'           18.015  
LEU 'L-peptide linking' y LEUCINE         ? 'C6 H13 N O2'    131.173 
LYS 'L-peptide linking' y LYSINE          ? 'C6 H15 N2 O2 1' 147.195 
MET 'L-peptide linking' y METHIONINE      ? 'C5 H11 N O2 S'  149.211 
NA  non-polymer         . 'SODIUM ION'    ? 'Na 1'           22.990  
PHE 'L-peptide linking' y PHENYLALANINE   ? 'C9 H11 N O2'    165.189 
SER 'L-peptide linking' y SERINE          ? 'C3 H7 N O3'     105.093 
SO4 non-polymer         . 'SULFATE ION'   ? 'O4 S -2'        96.063  
THR 'L-peptide linking' y THREONINE       ? 'C4 H9 N O3'     119.119 
TRP 'L-peptide linking' y TRYPTOPHAN      ? 'C11 H12 N2 O2'  204.225 
TYR 'L-peptide linking' y TYROSINE        ? 'C9 H11 N O3'    181.189 
VAL 'L-peptide linking' y VALINE          ? 'C5 H11 N O2'    117.146 
# 
loop_
_pdbx_poly_seq_scheme.asym_id 
_pdbx_poly_seq_scheme.entity_id 
_pdbx_poly_seq_scheme.seq_id 
_pdbx_poly_seq_scheme.mon_id 
_pdbx_poly_seq_scheme.ndb_seq_num 
_pdbx_poly_seq_scheme.pdb_seq_num 
_pdbx_poly_seq_scheme.auth_seq_num 
_pdbx_poly_seq_scheme.pdb_mon_id 
_pdbx_poly_seq_scheme.auth_mon_id 
_pdbx_poly_seq_scheme.pdb_strand_id 
_pdbx_poly_seq_scheme.pdb_ins_code 
_pdbx_poly_seq_scheme.hetero 
A 1 1  MET 1  161 ?   ?   ?   A . n 
A 1 2  THR 2  162 ?   ?   ?   A . n 
A 1 3  SER 3  163 ?   ?   ?   A . n 
A 1 4  PHE 4  164 164 PHE PHE A . n 
A 1 5  SER 5  165 165 SER SER A . n 
A 1 6  ARG 6  166 166 ARG ARG A . n 
A 1 7  SER 7  167 167 SER SER A . n 
A 1 8  GLN 8  168 168 GLN GLN A . n 
A 1 9  VAL 9  169 169 VAL VAL A . n 
A 1 10 LEU 10 170 170 LEU LEU A . n 
A 1 11 GLU 11 171 171 GLU GLU A . n 
A 1 12 LEU 12 172 172 LEU LEU A . n 
A 1 13 GLU 13 173 173 GLU GLU A . n 
A 1 14 ARG 14 174 174 ARG ARG A . n 
A 1 15 ARG 15 175 175 ARG ARG A . n 
A 1 16 PHE 16 176 176 PHE PHE A . n 
A 1 17 LEU 17 177 177 LEU LEU A . n 
A 1 18 ARG 18 178 178 ARG ARG A . n 
A 1 19 GLN 19 179 179 GLN GLN A . n 
A 1 20 LYS 20 180 180 LYS LYS A . n 
A 1 21 TYR 21 181 181 TYR TYR A . n 
A 1 22 LEU 22 182 182 LEU LEU A . n 
A 1 23 ALA 23 183 183 ALA ALA A . n 
A 1 24 SER 24 184 184 SER SER A . n 
A 1 25 ALA 25 185 185 ALA ALA A . n 
A 1 26 GLU 26 186 186 GLU GLU A . n 
A 1 27 ARG 27 187 187 ARG ARG A . n 
A 1 28 ALA 28 188 188 ALA ALA A . n 
A 1 29 ALA 29 189 189 ALA ALA A . n 
A 1 30 LEU 30 190 190 LEU LEU A . n 
A 1 31 ALA 31 191 191 ALA ALA A . n 
A 1 32 LYS 32 192 192 LYS LYS A . n 
A 1 33 ALA 33 193 193 ALA ALA A . n 
A 1 34 LEU 34 194 194 LEU LEU A . n 
A 1 35 ARG 35 195 195 ARG ARG A . n 
A 1 36 MET 36 196 196 MET MET A . n 
A 1 37 THR 37 197 197 THR THR A . n 
A 1 38 ASP 38 198 198 ASP ASP A . n 
A 1 39 ALA 39 199 199 ALA ALA A . n 
A 1 40 GLN 40 200 200 GLN GLN A . n 
A 1 41 VAL 41 201 201 VAL VAL A . n 
A 1 42 LYS 42 202 202 LYS LYS A . n 
A 1 43 THR 43 203 203 THR THR A . n 
A 1 44 TRP 44 204 204 TRP TRP A . n 
A 1 45 PHE 45 205 205 PHE PHE A . n 
A 1 46 GLN 46 206 206 GLN GLN A . n 
A 1 47 ASN 47 207 207 ASN ASN A . n 
A 1 48 ARG 48 208 208 ARG ARG A . n 
A 1 49 ARG 49 209 209 ARG ARG A . n 
A 1 50 THR 50 210 210 THR THR A . n 
A 1 51 LYS 51 211 211 LYS LYS A . n 
A 1 52 TRP 52 212 212 TRP TRP A . n 
A 1 53 ARG 53 213 213 ARG ARG A . n 
A 1 54 ARG 54 214 214 ARG ARG A . n 
A 1 55 GLN 55 215 215 GLN GLN A . n 
A 1 56 THR 56 216 216 THR THR A . n 
# 
loop_
_pdbx_nonpoly_scheme.asym_id 
_pdbx_nonpoly_scheme.entity_id 
_pdbx_nonpoly_scheme.mon_id 
_pdbx_nonpoly_scheme.ndb_seq_num 
_pdbx_nonpoly_scheme.pdb_seq_num 
_pdbx_nonpoly_scheme.auth_seq_num 
_pdbx_nonpoly_scheme.pdb_mon_id 
_pdbx_nonpoly_scheme.auth_mon_id 
_pdbx_nonpoly_scheme.pdb_strand_id 
_pdbx_nonpoly_scheme.pdb_ins_code 
B 2 NA  1   1   1   NA  NA  A . 
C 3 SO4 1   217 1   SO4 SO4 A . 
D 3 SO4 1   2   2   SO4 SO4 A . 
E 4 HOH 1   3   3   HOH HOH A . 
E 4 HOH 2   4   4   HOH HOH A . 
E 4 HOH 3   5   5   HOH HOH A . 
E 4 HOH 4   6   6   HOH HOH A . 
E 4 HOH 5   7   7   HOH HOH A . 
E 4 HOH 6   8   8   HOH HOH A . 
E 4 HOH 7   9   9   HOH HOH A . 
E 4 HOH 8   10  10  HOH HOH A . 
E 4 HOH 9   11  11  HOH HOH A . 
E 4 HOH 10  12  12  HOH HOH A . 
E 4 HOH 11  13  13  HOH HOH A . 
E 4 HOH 12  14  14  HOH HOH A . 
E 4 HOH 13  15  15  HOH HOH A . 
E 4 HOH 14  16  16  HOH HOH A . 
E 4 HOH 15  17  17  HOH HOH A . 
E 4 HOH 16  18  18  HOH HOH A . 
E 4 HOH 17  19  19  HOH HOH A . 
E 4 HOH 18  20  20  HOH HOH A . 
E 4 HOH 19  21  21  HOH HOH A . 
E 4 HOH 20  22  22  HOH HOH A . 
E 4 HOH 21  23  23  HOH HOH A . 
E 4 HOH 22  24  24  HOH HOH A . 
E 4 HOH 23  25  25  HOH HOH A . 
E 4 HOH 24  26  26  HOH HOH A . 
E 4 HOH 25  27  27  HOH HOH A . 
E 4 HOH 26  28  28  HOH HOH A . 
E 4 HOH 27  29  29  HOH HOH A . 
E 4 HOH 28  30  30  HOH HOH A . 
E 4 HOH 29  31  31  HOH HOH A . 
E 4 HOH 30  32  32  HOH HOH A . 
E 4 HOH 31  33  33  HOH HOH A . 
E 4 HOH 32  34  34  HOH HOH A . 
E 4 HOH 33  35  35  HOH HOH A . 
E 4 HOH 34  36  36  HOH HOH A . 
E 4 HOH 35  37  37  HOH HOH A . 
E 4 HOH 36  38  38  HOH HOH A . 
E 4 HOH 37  39  39  HOH HOH A . 
E 4 HOH 38  40  40  HOH HOH A . 
E 4 HOH 39  41  41  HOH HOH A . 
E 4 HOH 40  42  42  HOH HOH A . 
E 4 HOH 41  43  43  HOH HOH A . 
E 4 HOH 42  44  44  HOH HOH A . 
E 4 HOH 43  45  45  HOH HOH A . 
E 4 HOH 44  46  46  HOH HOH A . 
E 4 HOH 45  47  47  HOH HOH A . 
E 4 HOH 46  48  48  HOH HOH A . 
E 4 HOH 47  49  49  HOH HOH A . 
E 4 HOH 48  50  50  HOH HOH A . 
E 4 HOH 49  51  51  HOH HOH A . 
E 4 HOH 50  52  52  HOH HOH A . 
E 4 HOH 51  53  53  HOH HOH A . 
E 4 HOH 52  54  54  HOH HOH A . 
E 4 HOH 53  55  55  HOH HOH A . 
E 4 HOH 54  56  56  HOH HOH A . 
E 4 HOH 55  57  57  HOH HOH A . 
E 4 HOH 56  58  58  HOH HOH A . 
E 4 HOH 57  59  59  HOH HOH A . 
E 4 HOH 58  60  60  HOH HOH A . 
E 4 HOH 59  61  61  HOH HOH A . 
E 4 HOH 60  62  62  HOH HOH A . 
E 4 HOH 61  63  63  HOH HOH A . 
E 4 HOH 62  64  64  HOH HOH A . 
E 4 HOH 63  65  65  HOH HOH A . 
E 4 HOH 64  66  66  HOH HOH A . 
E 4 HOH 65  67  67  HOH HOH A . 
E 4 HOH 66  68  68  HOH HOH A . 
E 4 HOH 67  69  69  HOH HOH A . 
E 4 HOH 68  70  70  HOH HOH A . 
E 4 HOH 69  71  71  HOH HOH A . 
E 4 HOH 70  72  72  HOH HOH A . 
E 4 HOH 71  73  73  HOH HOH A . 
E 4 HOH 72  74  74  HOH HOH A . 
E 4 HOH 73  75  75  HOH HOH A . 
E 4 HOH 74  76  76  HOH HOH A . 
E 4 HOH 75  77  77  HOH HOH A . 
E 4 HOH 76  78  78  HOH HOH A . 
E 4 HOH 77  79  79  HOH HOH A . 
E 4 HOH 78  80  80  HOH HOH A . 
E 4 HOH 79  81  81  HOH HOH A . 
E 4 HOH 80  82  82  HOH HOH A . 
E 4 HOH 81  83  83  HOH HOH A . 
E 4 HOH 82  84  84  HOH HOH A . 
E 4 HOH 83  85  85  HOH HOH A . 
E 4 HOH 84  86  86  HOH HOH A . 
E 4 HOH 85  87  87  HOH HOH A . 
E 4 HOH 86  88  88  HOH HOH A . 
E 4 HOH 87  89  89  HOH HOH A . 
E 4 HOH 88  90  90  HOH HOH A . 
E 4 HOH 89  91  91  HOH HOH A . 
E 4 HOH 90  92  92  HOH HOH A . 
E 4 HOH 91  93  93  HOH HOH A . 
E 4 HOH 92  94  94  HOH HOH A . 
E 4 HOH 93  95  95  HOH HOH A . 
E 4 HOH 94  96  96  HOH HOH A . 
E 4 HOH 95  97  97  HOH HOH A . 
E 4 HOH 96  98  98  HOH HOH A . 
E 4 HOH 97  99  99  HOH HOH A . 
E 4 HOH 98  100 100 HOH HOH A . 
E 4 HOH 99  101 101 HOH HOH A . 
E 4 HOH 100 102 102 HOH HOH A . 
E 4 HOH 101 103 103 HOH HOH A . 
E 4 HOH 102 104 104 HOH HOH A . 
E 4 HOH 103 105 105 HOH HOH A . 
E 4 HOH 104 106 106 HOH HOH A . 
E 4 HOH 105 218 1   HOH HOH A . 
E 4 HOH 106 219 2   HOH HOH A . 
# 
loop_
_pdbx_unobs_or_zero_occ_atoms.id 
_pdbx_unobs_or_zero_occ_atoms.PDB_model_num 
_pdbx_unobs_or_zero_occ_atoms.polymer_flag 
_pdbx_unobs_or_zero_occ_atoms.occupancy_flag 
_pdbx_unobs_or_zero_occ_atoms.auth_asym_id 
_pdbx_unobs_or_zero_occ_atoms.auth_comp_id 
_pdbx_unobs_or_zero_occ_atoms.auth_seq_id 
_pdbx_unobs_or_zero_occ_atoms.PDB_ins_code 
_pdbx_unobs_or_zero_occ_atoms.auth_atom_id 
_pdbx_unobs_or_zero_occ_atoms.label_alt_id 
_pdbx_unobs_or_zero_occ_atoms.label_asym_id 
_pdbx_unobs_or_zero_occ_atoms.label_comp_id 
_pdbx_unobs_or_zero_occ_atoms.label_seq_id 
_pdbx_unobs_or_zero_occ_atoms.label_atom_id 
1 1 Y 0 A LEU 177 ? CD2 ? A LEU 17 CD2 
2 1 Y 0 A LYS 211 ? NZ  ? A LYS 51 NZ  
# 
loop_
_software.name 
_software.version 
_software.date 
_software.type 
_software.contact_author 
_software.contact_author_email 
_software.classification 
_software.location 
_software.language 
_software.citation_id 
_software.pdbx_ordinal 
REFMAC      refmac_5.2.0019 24/04/2001      program 'Garib N. Murshudov' garib@ysbl.york.ac.uk refinement        
http://www.ccp4.ac.uk/dist/html/refmac5.html Fortran_77 ? 1 
PDB_EXTRACT 3.006           'June 11, 2008' package PDB                  help@deposit.rcsb.org 'data extraction' 
http://sw-tools.pdb.org/apps/PDB_EXTRACT/    C++        ? 2 
XSCALE      .               ?               ?       ?                    ?                     'data scaling'    ? ?          ? 3 
# 
_cell.entry_id           3A03 
_cell.length_a           73.060 
_cell.length_b           33.170 
_cell.length_c           34.430 
_cell.angle_alpha        90.00 
_cell.angle_beta         102.12 
_cell.angle_gamma        90.00 
_cell.Z_PDB              4 
_cell.pdbx_unique_axis   ? 
_cell.length_a_esd       ? 
_cell.length_b_esd       ? 
_cell.length_c_esd       ? 
_cell.angle_alpha_esd    ? 
_cell.angle_beta_esd     ? 
_cell.angle_gamma_esd    ? 
# 
_symmetry.entry_id                         3A03 
_symmetry.space_group_name_H-M             'C 1 2 1' 
_symmetry.pdbx_full_space_group_name_H-M   ? 
_symmetry.cell_setting                     ? 
_symmetry.Int_Tables_number                5 
_symmetry.space_group_name_Hall            ? 
# 
_exptl.crystals_number   1 
_exptl.entry_id          3A03 
_exptl.method            'X-RAY DIFFRACTION' 
# 
_exptl_crystal.id                    1 
_exptl_crystal.pdbx_mosaicity        ? 
_exptl_crystal.pdbx_mosaicity_esd    ? 
_exptl_crystal.density_Matthews      2.97 
_exptl_crystal.density_diffrn        ? 
_exptl_crystal.density_meas          ? 
_exptl_crystal.density_meas_temp     ? 
_exptl_crystal.density_percent_sol   58.56 
_exptl_crystal.size_max              ? 
_exptl_crystal.size_mid              ? 
_exptl_crystal.size_min              ? 
_exptl_crystal.size_rad              ? 
_exptl_crystal.description           ? 
_exptl_crystal.F_000                 ? 
_exptl_crystal.preparation           ? 
# 
_diffrn.id                     1 
_diffrn.ambient_temp           100 
_diffrn.ambient_temp_details   ? 
_diffrn.crystal_id             1 
# 
_diffrn_detector.diffrn_id              1 
_diffrn_detector.detector               CCD 
_diffrn_detector.type                   'ADSC QUANTUM 210' 
_diffrn_detector.pdbx_collection_date   ? 
_diffrn_detector.details                ? 
# 
_diffrn_radiation.diffrn_id                        1 
_diffrn_radiation.wavelength_id                    1 
_diffrn_radiation.pdbx_diffrn_protocol             'SINGLE WAVELENGTH' 
_diffrn_radiation.monochromator                    ? 
_diffrn_radiation.pdbx_monochromatic_or_laue_m_l   M 
_diffrn_radiation.pdbx_scattering_type             x-ray 
# 
_diffrn_radiation_wavelength.id           1 
_diffrn_radiation_wavelength.wavelength   . 
_diffrn_radiation_wavelength.wt           1.0 
# 
_diffrn_source.diffrn_id                   1 
_diffrn_source.source                      SYNCHROTRON 
_diffrn_source.type                        'PHOTON FACTORY BEAMLINE AR-NW12A' 
_diffrn_source.pdbx_wavelength             ? 
_diffrn_source.pdbx_wavelength_list        ? 
_diffrn_source.pdbx_synchrotron_site       'Photon Factory' 
_diffrn_source.pdbx_synchrotron_beamline   AR-NW12A 
# 
_reflns.entry_id                     3A03 
_reflns.observed_criterion_sigma_F   ? 
_reflns.observed_criterion_sigma_I   ? 
_reflns.d_resolution_high            1.54 
_reflns.d_resolution_low             20.0 
_reflns.number_all                   ? 
_reflns.number_obs                   11716 
_reflns.percent_possible_obs         ? 
_reflns.pdbx_Rmerge_I_obs            ? 
_reflns.pdbx_Rsym_value              ? 
_reflns.pdbx_netI_over_sigmaI        ? 
_reflns.B_iso_Wilson_estimate        ? 
_reflns.pdbx_redundancy              ? 
_reflns.R_free_details               ? 
_reflns.limit_h_max                  ? 
_reflns.limit_h_min                  ? 
_reflns.limit_k_max                  ? 
_reflns.limit_k_min                  ? 
_reflns.limit_l_max                  ? 
_reflns.limit_l_min                  ? 
_reflns.observed_criterion_F_max     ? 
_reflns.observed_criterion_F_min     ? 
_reflns.pdbx_chi_squared             ? 
_reflns.pdbx_scaling_rejects         ? 
_reflns.pdbx_diffrn_id               1 
_reflns.pdbx_ordinal                 1 
# 
_refine.entry_id                                 3A03 
_refine.ls_d_res_high                            1.540 
_refine.ls_d_res_low                             19.34 
_refine.pdbx_ls_sigma_F                          ? 
_refine.ls_percent_reflns_obs                    96.17 
_refine.ls_number_reflns_obs                     11148 
_refine.pdbx_ls_cross_valid_method               THROUGHOUT 
_refine.pdbx_R_Free_selection_details            RANDOM 
_refine.details                                  'HYDROGENS HAVE BEEN ADDED IN THE RIDING POSITIONS' 
_refine.ls_R_factor_obs                          0.20090 
_refine.ls_R_factor_R_work                       0.19982 
_refine.ls_R_factor_R_free                       0.22282 
_refine.ls_percent_reflns_R_free                 4.800 
_refine.ls_number_reflns_R_free                  567 
_refine.B_iso_mean                               26.966 
_refine.aniso_B[1][1]                            -0.07 
_refine.aniso_B[2][2]                            0.37 
_refine.aniso_B[3][3]                            -0.37 
_refine.aniso_B[1][2]                            0.00 
_refine.aniso_B[1][3]                            -0.18 
_refine.aniso_B[2][3]                            0.00 
_refine.correlation_coeff_Fo_to_Fc               0.959 
_refine.correlation_coeff_Fo_to_Fc_free          0.952 
_refine.pdbx_overall_ESU_R                       0.081 
_refine.pdbx_overall_ESU_R_Free                  0.080 
_refine.overall_SU_ML                            0.044 
_refine.overall_SU_B                             1.142 
_refine.solvent_model_details                    MASK 
_refine.pdbx_solvent_vdw_probe_radii             1.400 
_refine.pdbx_solvent_ion_probe_radii             0.800 
_refine.pdbx_solvent_shrinkage_radii             0.800 
_refine.pdbx_method_to_determine_struct          'MOLECULAR REPLACEMENT' 
_refine.pdbx_stereochemistry_target_values       'MAXIMUM LIKELIHOOD' 
_refine.B_iso_max                                65.10 
_refine.B_iso_min                                8.27 
_refine.occupancy_max                            1.00 
_refine.occupancy_min                            0.00 
_refine.pdbx_ls_sigma_I                          ? 
_refine.ls_number_reflns_all                     ? 
_refine.ls_R_factor_all                          ? 
_refine.ls_redundancy_reflns_obs                 ? 
_refine.pdbx_data_cutoff_high_absF               ? 
_refine.pdbx_data_cutoff_low_absF                ? 
_refine.ls_number_parameters                     ? 
_refine.ls_number_restraints                     ? 
_refine.ls_R_factor_R_free_error                 ? 
_refine.ls_R_factor_R_free_error_details         ? 
_refine.pdbx_starting_model                      ? 
_refine.pdbx_stereochem_target_val_spec_case     ? 
_refine.solvent_model_param_bsol                 ? 
_refine.solvent_model_param_ksol                 ? 
_refine.pdbx_isotropic_thermal_model             ? 
_refine.overall_SU_R_Cruickshank_DPI             ? 
_refine.overall_SU_R_free                        ? 
_refine.pdbx_data_cutoff_high_rms_absF           ? 
_refine.ls_wR_factor_R_free                      ? 
_refine.ls_wR_factor_R_work                      ? 
_refine.overall_FOM_free_R_set                   ? 
_refine.overall_FOM_work_R_set                   ? 
_refine.pdbx_refine_id                           'X-RAY DIFFRACTION' 
_refine.pdbx_overall_phase_error                 ? 
_refine.pdbx_diffrn_id                           1 
_refine.pdbx_TLS_residual_ADP_flag               ? 
_refine.pdbx_overall_SU_R_free_Cruickshank_DPI   ? 
_refine.pdbx_overall_SU_R_Blow_DPI               ? 
_refine.pdbx_overall_SU_R_free_Blow_DPI          ? 
# 
_refine_hist.pdbx_refine_id                   'X-RAY DIFFRACTION' 
_refine_hist.cycle_id                         LAST 
_refine_hist.pdbx_number_atoms_protein        459 
_refine_hist.pdbx_number_atoms_nucleic_acid   0 
_refine_hist.pdbx_number_atoms_ligand         11 
_refine_hist.number_atoms_solvent             106 
_refine_hist.number_atoms_total               576 
_refine_hist.d_res_high                       1.540 
_refine_hist.d_res_low                        19.34 
# 
loop_
_refine_ls_restr.type 
_refine_ls_restr.dev_ideal 
_refine_ls_restr.dev_ideal_target 
_refine_ls_restr.weight 
_refine_ls_restr.number 
_refine_ls_restr.pdbx_refine_id 
_refine_ls_restr.pdbx_restraint_function 
r_bond_refined_d             0.012  0.022  ? 472 'X-RAY DIFFRACTION' ? 
r_bond_other_d               ?      ?      ? ?   'X-RAY DIFFRACTION' ? 
r_angle_refined_deg          1.236  1.946  ? 631 'X-RAY DIFFRACTION' ? 
r_angle_other_deg            ?      ?      ? ?   'X-RAY DIFFRACTION' ? 
r_dihedral_angle_1_deg       3.488  5.000  ? 52  'X-RAY DIFFRACTION' ? 
r_dihedral_angle_2_deg       18.306 20.000 ? 26  'X-RAY DIFFRACTION' ? 
r_dihedral_angle_3_deg       11.004 15.000 ? 92  'X-RAY DIFFRACTION' ? 
r_dihedral_angle_4_deg       16.186 15.000 ? 10  'X-RAY DIFFRACTION' ? 
r_chiral_restr               0.073  0.200  ? 64  'X-RAY DIFFRACTION' ? 
r_gen_planes_refined         0.007  0.020  ? 351 'X-RAY DIFFRACTION' ? 
r_gen_planes_other           ?      ?      ? ?   'X-RAY DIFFRACTION' ? 
r_nbd_refined                0.199  0.200  ? 208 'X-RAY DIFFRACTION' ? 
r_nbd_other                  ?      ?      ? ?   'X-RAY DIFFRACTION' ? 
r_nbtor_refined              0.302  0.200  ? 324 'X-RAY DIFFRACTION' ? 
r_nbtor_other                ?      ?      ? ?   'X-RAY DIFFRACTION' ? 
r_xyhbond_nbd_refined        0.366  0.200  ? 62  'X-RAY DIFFRACTION' ? 
r_xyhbond_nbd_other          ?      ?      ? ?   'X-RAY DIFFRACTION' ? 
r_metal_ion_refined          ?      ?      ? ?   'X-RAY DIFFRACTION' ? 
r_metal_ion_other            ?      ?      ? ?   'X-RAY DIFFRACTION' ? 
r_symmetry_vdw_refined       0.295  0.200  ? 17  'X-RAY DIFFRACTION' ? 
r_symmetry_vdw_other         ?      ?      ? ?   'X-RAY DIFFRACTION' ? 
r_symmetry_hbond_refined     0.266  0.200  ? 10  'X-RAY DIFFRACTION' ? 
r_symmetry_hbond_other       ?      ?      ? ?   'X-RAY DIFFRACTION' ? 
r_symmetry_metal_ion_refined ?      ?      ? ?   'X-RAY DIFFRACTION' ? 
r_symmetry_metal_ion_other   ?      ?      ? ?   'X-RAY DIFFRACTION' ? 
r_mcbond_it                  0.823  1.500  ? 265 'X-RAY DIFFRACTION' ? 
r_mcbond_other               ?      ?      ? ?   'X-RAY DIFFRACTION' ? 
r_mcangle_it                 1.566  2.000  ? 422 'X-RAY DIFFRACTION' ? 
r_scbond_it                  2.478  3.000  ? 218 'X-RAY DIFFRACTION' ? 
r_scangle_it                 4.041  4.500  ? 209 'X-RAY DIFFRACTION' ? 
r_rigid_bond_restr           ?      ?      ? ?   'X-RAY DIFFRACTION' ? 
r_sphericity_free            ?      ?      ? ?   'X-RAY DIFFRACTION' ? 
r_sphericity_bonded          ?      ?      ? ?   'X-RAY DIFFRACTION' ? 
# 
_refine_ls_shell.d_res_high                       1.536 
_refine_ls_shell.d_res_low                        1.576 
_refine_ls_shell.pdbx_total_number_of_bins_used   20 
_refine_ls_shell.percent_reflns_obs               65.01 
_refine_ls_shell.number_reflns_R_work             543 
_refine_ls_shell.R_factor_all                     ? 
_refine_ls_shell.R_factor_R_work                  0.330 
_refine_ls_shell.R_factor_R_free                  0.343 
_refine_ls_shell.percent_reflns_R_free            ? 
_refine_ls_shell.number_reflns_R_free             31 
_refine_ls_shell.R_factor_R_free_error            ? 
_refine_ls_shell.number_reflns_all                605 
_refine_ls_shell.number_reflns_obs                ? 
_refine_ls_shell.redundancy_reflns_obs            ? 
_refine_ls_shell.pdbx_refine_id                   'X-RAY DIFFRACTION' 
# 
_struct.entry_id                  3A03 
_struct.title                     'Crystal structure of Hox11L1 homeodomain' 
_struct.pdbx_model_details        ? 
_struct.pdbx_CASP_flag            ? 
_struct.pdbx_model_type_details   ? 
# 
_struct_keywords.entry_id        3A03 
_struct_keywords.pdbx_keywords   'GENE REGULATION' 
_struct_keywords.text            'HOMEODOMAIN, Developmental protein, DNA-binding, Homeobox, Nucleus, Gene Regulation' 
# 
loop_
_struct_asym.id 
_struct_asym.pdbx_blank_PDB_chainid_flag 
_struct_asym.pdbx_modified 
_struct_asym.entity_id 
_struct_asym.details 
A N N 1 ? 
B N N 2 ? 
C N N 3 ? 
D N N 3 ? 
E N N 4 ? 
# 
_struct_ref.id                         1 
_struct_ref.db_name                    UNP 
_struct_ref.db_code                    TLX2_HUMAN 
_struct_ref.pdbx_db_accession          O43763 
_struct_ref.entity_id                  1 
_struct_ref.pdbx_seq_one_letter_code   TSFSRSQVLELERRFLRQKYLASAERAALAKALRMTDAQVKTWFQNRRTKWRRQT 
_struct_ref.pdbx_align_begin           162 
_struct_ref.pdbx_db_isoform            ? 
# 
_struct_ref_seq.align_id                      1 
_struct_ref_seq.ref_id                        1 
_struct_ref_seq.pdbx_PDB_id_code              3A03 
_struct_ref_seq.pdbx_strand_id                A 
_struct_ref_seq.seq_align_beg                 2 
_struct_ref_seq.pdbx_seq_align_beg_ins_code   ? 
_struct_ref_seq.seq_align_end                 56 
_struct_ref_seq.pdbx_seq_align_end_ins_code   ? 
_struct_ref_seq.pdbx_db_accession             O43763 
_struct_ref_seq.db_align_beg                  162 
_struct_ref_seq.pdbx_db_align_beg_ins_code    ? 
_struct_ref_seq.db_align_end                  216 
_struct_ref_seq.pdbx_db_align_end_ins_code    ? 
_struct_ref_seq.pdbx_auth_seq_align_beg       162 
_struct_ref_seq.pdbx_auth_seq_align_end       216 
# 
_struct_ref_seq_dif.align_id                     1 
_struct_ref_seq_dif.pdbx_pdb_id_code             3A03 
_struct_ref_seq_dif.mon_id                       MET 
_struct_ref_seq_dif.pdbx_pdb_strand_id           A 
_struct_ref_seq_dif.seq_num                      1 
_struct_ref_seq_dif.pdbx_pdb_ins_code            ? 
_struct_ref_seq_dif.pdbx_seq_db_name             UNP 
_struct_ref_seq_dif.pdbx_seq_db_accession_code   O43763 
_struct_ref_seq_dif.db_mon_id                    ? 
_struct_ref_seq_dif.pdbx_seq_db_seq_num          ? 
_struct_ref_seq_dif.details                      'initiating methionine' 
_struct_ref_seq_dif.pdbx_auth_seq_num            161 
_struct_ref_seq_dif.pdbx_ordinal                 1 
# 
loop_
_pdbx_struct_assembly.id 
_pdbx_struct_assembly.details 
_pdbx_struct_assembly.method_details 
_pdbx_struct_assembly.oligomeric_details 
_pdbx_struct_assembly.oligomeric_count 
1 author_defined_assembly   ?    monomeric 1 
2 software_defined_assembly PISA dimeric   2 
# 
loop_
_pdbx_struct_assembly_prop.biol_id 
_pdbx_struct_assembly_prop.type 
_pdbx_struct_assembly_prop.value 
_pdbx_struct_assembly_prop.details 
2 'ABSA (A^2)' 760  ? 
2 MORE         -7   ? 
2 'SSA (A^2)'  7520 ? 
# 
loop_
_pdbx_struct_assembly_gen.assembly_id 
_pdbx_struct_assembly_gen.oper_expression 
_pdbx_struct_assembly_gen.asym_id_list 
1 1   A,B,C,D,E 
2 1,2 A,B,C,D,E 
# 
loop_
_pdbx_struct_oper_list.id 
_pdbx_struct_oper_list.type 
_pdbx_struct_oper_list.name 
_pdbx_struct_oper_list.symmetry_operation 
_pdbx_struct_oper_list.matrix[1][1] 
_pdbx_struct_oper_list.matrix[1][2] 
_pdbx_struct_oper_list.matrix[1][3] 
_pdbx_struct_oper_list.vector[1] 
_pdbx_struct_oper_list.matrix[2][1] 
_pdbx_struct_oper_list.matrix[2][2] 
_pdbx_struct_oper_list.matrix[2][3] 
_pdbx_struct_oper_list.vector[2] 
_pdbx_struct_oper_list.matrix[3][1] 
_pdbx_struct_oper_list.matrix[3][2] 
_pdbx_struct_oper_list.matrix[3][3] 
_pdbx_struct_oper_list.vector[3] 
1 'identity operation'         1_555 x,y,z       1.0000000000 0.0000000000  0.0000000000  0.0000000000 0.0000000000  1.0000000000  0.0000000000 0.0000000000  0.0000000000  0.0000000000 1.0000000000  0.0000000000  
2 'crystal symmetry operation' 2_656 -x+1,y,-z+1 0.0719580756 -0.8440654670 -0.5313901795 5.7871549070 -0.8440654670 -0.3353783803 0.4184194421 -6.3529724634 -0.5313901795 0.4184194421 -0.7365796954 21.7653854986 
# 
_struct_biol.id        1 
_struct_biol.details   ? 
# 
loop_
_struct_conf.conf_type_id 
_struct_conf.id 
_struct_conf.pdbx_PDB_helix_id 
_struct_conf.beg_label_comp_id 
_struct_conf.beg_label_asym_id 
_struct_conf.beg_label_seq_id 
_struct_conf.pdbx_beg_PDB_ins_code 
_struct_conf.end_label_comp_id 
_struct_conf.end_label_asym_id 
_struct_conf.end_label_seq_id 
_struct_conf.pdbx_end_PDB_ins_code 
_struct_conf.beg_auth_comp_id 
_struct_conf.beg_auth_asym_id 
_struct_conf.beg_auth_seq_id 
_struct_conf.end_auth_comp_id 
_struct_conf.end_auth_asym_id 
_struct_conf.end_auth_seq_id 
_struct_conf.pdbx_PDB_helix_class 
_struct_conf.details 
_struct_conf.pdbx_PDB_helix_length 
HELX_P HELX_P1 1 SER A 5  ? GLN A 19 ? SER A 165 GLN A 179 1 ? 15 
HELX_P HELX_P2 2 ALA A 23 ? ARG A 35 ? ALA A 183 ARG A 195 1 ? 13 
HELX_P HELX_P3 3 THR A 37 ? THR A 56 ? THR A 197 THR A 216 1 ? 20 
# 
_struct_conf_type.id          HELX_P 
_struct_conf_type.criteria    ? 
_struct_conf_type.reference   ? 
# 
_struct_conn.id                            metalc1 
_struct_conn.conn_type_id                  metalc 
_struct_conn.pdbx_leaving_atom_flag        ? 
_struct_conn.pdbx_PDB_id                   ? 
_struct_conn.ptnr1_label_asym_id           B 
_struct_conn.ptnr1_label_comp_id           NA 
_struct_conn.ptnr1_label_seq_id            . 
_struct_conn.ptnr1_label_atom_id           NA 
_struct_conn.pdbx_ptnr1_label_alt_id       ? 
_struct_conn.pdbx_ptnr1_PDB_ins_code       ? 
_struct_conn.pdbx_ptnr1_standard_comp_id   ? 
_struct_conn.ptnr1_symmetry                1_555 
_struct_conn.ptnr2_label_asym_id           E 
_struct_conn.ptnr2_label_comp_id           HOH 
_struct_conn.ptnr2_label_seq_id            . 
_struct_conn.ptnr2_label_atom_id           O 
_struct_conn.pdbx_ptnr2_label_alt_id       ? 
_struct_conn.pdbx_ptnr2_PDB_ins_code       ? 
_struct_conn.ptnr1_auth_asym_id            A 
_struct_conn.ptnr1_auth_comp_id            NA 
_struct_conn.ptnr1_auth_seq_id             1 
_struct_conn.ptnr2_auth_asym_id            A 
_struct_conn.ptnr2_auth_comp_id            HOH 
_struct_conn.ptnr2_auth_seq_id             6 
_struct_conn.ptnr2_symmetry                1_555 
_struct_conn.pdbx_ptnr3_label_atom_id      ? 
_struct_conn.pdbx_ptnr3_label_seq_id       ? 
_struct_conn.pdbx_ptnr3_label_comp_id      ? 
_struct_conn.pdbx_ptnr3_label_asym_id      ? 
_struct_conn.pdbx_ptnr3_label_alt_id       ? 
_struct_conn.pdbx_ptnr3_PDB_ins_code       ? 
_struct_conn.details                       ? 
_struct_conn.pdbx_dist_value               3.063 
_struct_conn.pdbx_value_order              ? 
_struct_conn.pdbx_role                     ? 
# 
_struct_conn_type.id          metalc 
_struct_conn_type.criteria    ? 
_struct_conn_type.reference   ? 
# 
loop_
_struct_site.id 
_struct_site.pdbx_evidence_code 
_struct_site.pdbx_auth_asym_id 
_struct_site.pdbx_auth_comp_id 
_struct_site.pdbx_auth_seq_id 
_struct_site.pdbx_auth_ins_code 
_struct_site.pdbx_num_residues 
_struct_site.details 
AC1 Software A NA  1   ? 5 'BINDING SITE FOR RESIDUE NA A 1'    
AC2 Software A SO4 217 ? 6 'BINDING SITE FOR RESIDUE SO4 A 217' 
AC3 Software A SO4 2   ? 9 'BINDING SITE FOR RESIDUE SO4 A 2'   
# 
loop_
_struct_site_gen.id 
_struct_site_gen.site_id 
_struct_site_gen.pdbx_num_res 
_struct_site_gen.label_comp_id 
_struct_site_gen.label_asym_id 
_struct_site_gen.label_seq_id 
_struct_site_gen.pdbx_auth_ins_code 
_struct_site_gen.auth_comp_id 
_struct_site_gen.auth_asym_id 
_struct_site_gen.auth_seq_id 
_struct_site_gen.label_atom_id 
_struct_site_gen.label_alt_id 
_struct_site_gen.symmetry 
_struct_site_gen.details 
1  AC1 5 HOH E .  ? HOH A 6   . ? 1_555 ? 
2  AC1 5 HOH E .  ? HOH A 7   . ? 4_646 ? 
3  AC1 5 LEU A 22 ? LEU A 182 . ? 1_555 ? 
4  AC1 5 ARG A 27 ? ARG A 187 . ? 1_555 ? 
5  AC1 5 ARG A 49 ? ARG A 209 . ? 1_555 ? 
6  AC2 6 HOH E .  ? HOH A 28  . ? 1_555 ? 
7  AC2 6 HOH E .  ? HOH A 72  . ? 1_555 ? 
8  AC2 6 HOH E .  ? HOH A 87  . ? 1_555 ? 
9  AC2 6 HOH E .  ? HOH A 90  . ? 4_646 ? 
10 AC2 6 ARG A 49 ? ARG A 209 . ? 1_555 ? 
11 AC2 6 ARG A 53 ? ARG A 213 . ? 1_555 ? 
12 AC3 9 HOH E .  ? HOH A 25  . ? 1_555 ? 
13 AC3 9 HOH E .  ? HOH A 33  . ? 1_555 ? 
14 AC3 9 HOH E .  ? HOH A 42  . ? 1_555 ? 
15 AC3 9 HOH E .  ? HOH A 62  . ? 1_555 ? 
16 AC3 9 HOH E .  ? HOH A 67  . ? 1_555 ? 
17 AC3 9 HOH E .  ? HOH A 73  . ? 1_555 ? 
18 AC3 9 HOH E .  ? HOH A 88  . ? 1_555 ? 
19 AC3 9 ARG A 15 ? ARG A 175 . ? 1_555 ? 
20 AC3 9 ALA A 29 ? ALA A 189 . ? 1_555 ? 
# 
loop_
_pdbx_validate_close_contact.id 
_pdbx_validate_close_contact.PDB_model_num 
_pdbx_validate_close_contact.auth_atom_id_1 
_pdbx_validate_close_contact.auth_asym_id_1 
_pdbx_validate_close_contact.auth_comp_id_1 
_pdbx_validate_close_contact.auth_seq_id_1 
_pdbx_validate_close_contact.PDB_ins_code_1 
_pdbx_validate_close_contact.label_alt_id_1 
_pdbx_validate_close_contact.auth_atom_id_2 
_pdbx_validate_close_contact.auth_asym_id_2 
_pdbx_validate_close_contact.auth_comp_id_2 
_pdbx_validate_close_contact.auth_seq_id_2 
_pdbx_validate_close_contact.PDB_ins_code_2 
_pdbx_validate_close_contact.label_alt_id_2 
_pdbx_validate_close_contact.dist 
1 1 O A HOH 31 ? ? O A HOH 92  ? ? 1.26 
2 1 O A HOH 14 ? ? O A HOH 83  ? ? 1.47 
3 1 O A HOH 13 ? ? O A HOH 97  ? ? 1.62 
4 1 O A HOH 27 ? ? O A HOH 104 ? ? 1.94 
5 1 O A HOH 26 ? ? O A HOH 104 ? ? 2.09 
# 
_pdbx_validate_symm_contact.id                1 
_pdbx_validate_symm_contact.PDB_model_num     1 
_pdbx_validate_symm_contact.auth_atom_id_1    O 
_pdbx_validate_symm_contact.auth_asym_id_1    A 
_pdbx_validate_symm_contact.auth_comp_id_1    HOH 
_pdbx_validate_symm_contact.auth_seq_id_1     83 
_pdbx_validate_symm_contact.PDB_ins_code_1    ? 
_pdbx_validate_symm_contact.label_alt_id_1    ? 
_pdbx_validate_symm_contact.site_symmetry_1   1_555 
_pdbx_validate_symm_contact.auth_atom_id_2    O 
_pdbx_validate_symm_contact.auth_asym_id_2    A 
_pdbx_validate_symm_contact.auth_comp_id_2    HOH 
_pdbx_validate_symm_contact.auth_seq_id_2     83 
_pdbx_validate_symm_contact.PDB_ins_code_2    ? 
_pdbx_validate_symm_contact.label_alt_id_2    ? 
_pdbx_validate_symm_contact.site_symmetry_2   2_655 
_pdbx_validate_symm_contact.dist              2.17 
# 
loop_
_pdbx_unobs_or_zero_occ_residues.id 
_pdbx_unobs_or_zero_occ_residues.PDB_model_num 
_pdbx_unobs_or_zero_occ_residues.polymer_flag 
_pdbx_unobs_or_zero_occ_residues.occupancy_flag 
_pdbx_unobs_or_zero_occ_residues.auth_asym_id 
_pdbx_unobs_or_zero_occ_residues.auth_comp_id 
_pdbx_unobs_or_zero_occ_residues.auth_seq_id 
_pdbx_unobs_or_zero_occ_residues.PDB_ins_code 
_pdbx_unobs_or_zero_occ_residues.label_asym_id 
_pdbx_unobs_or_zero_occ_residues.label_comp_id 
_pdbx_unobs_or_zero_occ_residues.label_seq_id 
1 1 Y 1 A MET 161 ? A MET 1 
2 1 Y 1 A THR 162 ? A THR 2 
3 1 Y 1 A SER 163 ? A SER 3 
# 
loop_
_chem_comp_atom.comp_id 
_chem_comp_atom.atom_id 
_chem_comp_atom.type_symbol 
_chem_comp_atom.pdbx_aromatic_flag 
_chem_comp_atom.pdbx_stereo_config 
_chem_comp_atom.pdbx_ordinal 
ALA N    N  N N 1   
ALA CA   C  N S 2   
ALA C    C  N N 3   
ALA O    O  N N 4   
ALA CB   C  N N 5   
ALA OXT  O  N N 6   
ALA H    H  N N 7   
ALA H2   H  N N 8   
ALA HA   H  N N 9   
ALA HB1  H  N N 10  
ALA HB2  H  N N 11  
ALA HB3  H  N N 12  
ALA HXT  H  N N 13  
ARG N    N  N N 14  
ARG CA   C  N S 15  
ARG C    C  N N 16  
ARG O    O  N N 17  
ARG CB   C  N N 18  
ARG CG   C  N N 19  
ARG CD   C  N N 20  
ARG NE   N  N N 21  
ARG CZ   C  N N 22  
ARG NH1  N  N N 23  
ARG NH2  N  N N 24  
ARG OXT  O  N N 25  
ARG H    H  N N 26  
ARG H2   H  N N 27  
ARG HA   H  N N 28  
ARG HB2  H  N N 29  
ARG HB3  H  N N 30  
ARG HG2  H  N N 31  
ARG HG3  H  N N 32  
ARG HD2  H  N N 33  
ARG HD3  H  N N 34  
ARG HE   H  N N 35  
ARG HH11 H  N N 36  
ARG HH12 H  N N 37  
ARG HH21 H  N N 38  
ARG HH22 H  N N 39  
ARG HXT  H  N N 40  
ASN N    N  N N 41  
ASN CA   C  N S 42  
ASN C    C  N N 43  
ASN O    O  N N 44  
ASN CB   C  N N 45  
ASN CG   C  N N 46  
ASN OD1  O  N N 47  
ASN ND2  N  N N 48  
ASN OXT  O  N N 49  
ASN H    H  N N 50  
ASN H2   H  N N 51  
ASN HA   H  N N 52  
ASN HB2  H  N N 53  
ASN HB3  H  N N 54  
ASN HD21 H  N N 55  
ASN HD22 H  N N 56  
ASN HXT  H  N N 57  
ASP N    N  N N 58  
ASP CA   C  N S 59  
ASP C    C  N N 60  
ASP O    O  N N 61  
ASP CB   C  N N 62  
ASP CG   C  N N 63  
ASP OD1  O  N N 64  
ASP OD2  O  N N 65  
ASP OXT  O  N N 66  
ASP H    H  N N 67  
ASP H2   H  N N 68  
ASP HA   H  N N 69  
ASP HB2  H  N N 70  
ASP HB3  H  N N 71  
ASP HD2  H  N N 72  
ASP HXT  H  N N 73  
GLN N    N  N N 74  
GLN CA   C  N S 75  
GLN C    C  N N 76  
GLN O    O  N N 77  
GLN CB   C  N N 78  
GLN CG   C  N N 79  
GLN CD   C  N N 80  
GLN OE1  O  N N 81  
GLN NE2  N  N N 82  
GLN OXT  O  N N 83  
GLN H    H  N N 84  
GLN H2   H  N N 85  
GLN HA   H  N N 86  
GLN HB2  H  N N 87  
GLN HB3  H  N N 88  
GLN HG2  H  N N 89  
GLN HG3  H  N N 90  
GLN HE21 H  N N 91  
GLN HE22 H  N N 92  
GLN HXT  H  N N 93  
GLU N    N  N N 94  
GLU CA   C  N S 95  
GLU C    C  N N 96  
GLU O    O  N N 97  
GLU CB   C  N N 98  
GLU CG   C  N N 99  
GLU CD   C  N N 100 
GLU OE1  O  N N 101 
GLU OE2  O  N N 102 
GLU OXT  O  N N 103 
GLU H    H  N N 104 
GLU H2   H  N N 105 
GLU HA   H  N N 106 
GLU HB2  H  N N 107 
GLU HB3  H  N N 108 
GLU HG2  H  N N 109 
GLU HG3  H  N N 110 
GLU HE2  H  N N 111 
GLU HXT  H  N N 112 
HOH O    O  N N 113 
HOH H1   H  N N 114 
HOH H2   H  N N 115 
LEU N    N  N N 116 
LEU CA   C  N S 117 
LEU C    C  N N 118 
LEU O    O  N N 119 
LEU CB   C  N N 120 
LEU CG   C  N N 121 
LEU CD1  C  N N 122 
LEU CD2  C  N N 123 
LEU OXT  O  N N 124 
LEU H    H  N N 125 
LEU H2   H  N N 126 
LEU HA   H  N N 127 
LEU HB2  H  N N 128 
LEU HB3  H  N N 129 
LEU HG   H  N N 130 
LEU HD11 H  N N 131 
LEU HD12 H  N N 132 
LEU HD13 H  N N 133 
LEU HD21 H  N N 134 
LEU HD22 H  N N 135 
LEU HD23 H  N N 136 
LEU HXT  H  N N 137 
LYS N    N  N N 138 
LYS CA   C  N S 139 
LYS C    C  N N 140 
LYS O    O  N N 141 
LYS CB   C  N N 142 
LYS CG   C  N N 143 
LYS CD   C  N N 144 
LYS CE   C  N N 145 
LYS NZ   N  N N 146 
LYS OXT  O  N N 147 
LYS H    H  N N 148 
LYS H2   H  N N 149 
LYS HA   H  N N 150 
LYS HB2  H  N N 151 
LYS HB3  H  N N 152 
LYS HG2  H  N N 153 
LYS HG3  H  N N 154 
LYS HD2  H  N N 155 
LYS HD3  H  N N 156 
LYS HE2  H  N N 157 
LYS HE3  H  N N 158 
LYS HZ1  H  N N 159 
LYS HZ2  H  N N 160 
LYS HZ3  H  N N 161 
LYS HXT  H  N N 162 
MET N    N  N N 163 
MET CA   C  N S 164 
MET C    C  N N 165 
MET O    O  N N 166 
MET CB   C  N N 167 
MET CG   C  N N 168 
MET SD   S  N N 169 
MET CE   C  N N 170 
MET OXT  O  N N 171 
MET H    H  N N 172 
MET H2   H  N N 173 
MET HA   H  N N 174 
MET HB2  H  N N 175 
MET HB3  H  N N 176 
MET HG2  H  N N 177 
MET HG3  H  N N 178 
MET HE1  H  N N 179 
MET HE2  H  N N 180 
MET HE3  H  N N 181 
MET HXT  H  N N 182 
NA  NA   NA N N 183 
PHE N    N  N N 184 
PHE CA   C  N S 185 
PHE C    C  N N 186 
PHE O    O  N N 187 
PHE CB   C  N N 188 
PHE CG   C  Y N 189 
PHE CD1  C  Y N 190 
PHE CD2  C  Y N 191 
PHE CE1  C  Y N 192 
PHE CE2  C  Y N 193 
PHE CZ   C  Y N 194 
PHE OXT  O  N N 195 
PHE H    H  N N 196 
PHE H2   H  N N 197 
PHE HA   H  N N 198 
PHE HB2  H  N N 199 
PHE HB3  H  N N 200 
PHE HD1  H  N N 201 
PHE HD2  H  N N 202 
PHE HE1  H  N N 203 
PHE HE2  H  N N 204 
PHE HZ   H  N N 205 
PHE HXT  H  N N 206 
SER N    N  N N 207 
SER CA   C  N S 208 
SER C    C  N N 209 
SER O    O  N N 210 
SER CB   C  N N 211 
SER OG   O  N N 212 
SER OXT  O  N N 213 
SER H    H  N N 214 
SER H2   H  N N 215 
SER HA   H  N N 216 
SER HB2  H  N N 217 
SER HB3  H  N N 218 
SER HG   H  N N 219 
SER HXT  H  N N 220 
SO4 S    S  N N 221 
SO4 O1   O  N N 222 
SO4 O2   O  N N 223 
SO4 O3   O  N N 224 
SO4 O4   O  N N 225 
THR N    N  N N 226 
THR CA   C  N S 227 
THR C    C  N N 228 
THR O    O  N N 229 
THR CB   C  N R 230 
THR OG1  O  N N 231 
THR CG2  C  N N 232 
THR OXT  O  N N 233 
THR H    H  N N 234 
THR H2   H  N N 235 
THR HA   H  N N 236 
THR HB   H  N N 237 
THR HG1  H  N N 238 
THR HG21 H  N N 239 
THR HG22 H  N N 240 
THR HG23 H  N N 241 
THR HXT  H  N N 242 
TRP N    N  N N 243 
TRP CA   C  N S 244 
TRP C    C  N N 245 
TRP O    O  N N 246 
TRP CB   C  N N 247 
TRP CG   C  Y N 248 
TRP CD1  C  Y N 249 
TRP CD2  C  Y N 250 
TRP NE1  N  Y N 251 
TRP CE2  C  Y N 252 
TRP CE3  C  Y N 253 
TRP CZ2  C  Y N 254 
TRP CZ3  C  Y N 255 
TRP CH2  C  Y N 256 
TRP OXT  O  N N 257 
TRP H    H  N N 258 
TRP H2   H  N N 259 
TRP HA   H  N N 260 
TRP HB2  H  N N 261 
TRP HB3  H  N N 262 
TRP HD1  H  N N 263 
TRP HE1  H  N N 264 
TRP HE3  H  N N 265 
TRP HZ2  H  N N 266 
TRP HZ3  H  N N 267 
TRP HH2  H  N N 268 
TRP HXT  H  N N 269 
TYR N    N  N N 270 
TYR CA   C  N S 271 
TYR C    C  N N 272 
TYR O    O  N N 273 
TYR CB   C  N N 274 
TYR CG   C  Y N 275 
TYR CD1  C  Y N 276 
TYR CD2  C  Y N 277 
TYR CE1  C  Y N 278 
TYR CE2  C  Y N 279 
TYR CZ   C  Y N 280 
TYR OH   O  N N 281 
TYR OXT  O  N N 282 
TYR H    H  N N 283 
TYR H2   H  N N 284 
TYR HA   H  N N 285 
TYR HB2  H  N N 286 
TYR HB3  H  N N 287 
TYR HD1  H  N N 288 
TYR HD2  H  N N 289 
TYR HE1  H  N N 290 
TYR HE2  H  N N 291 
TYR HH   H  N N 292 
TYR HXT  H  N N 293 
VAL N    N  N N 294 
VAL CA   C  N S 295 
VAL C    C  N N 296 
VAL O    O  N N 297 
VAL CB   C  N N 298 
VAL CG1  C  N N 299 
VAL CG2  C  N N 300 
VAL OXT  O  N N 301 
VAL H    H  N N 302 
VAL H2   H  N N 303 
VAL HA   H  N N 304 
VAL HB   H  N N 305 
VAL HG11 H  N N 306 
VAL HG12 H  N N 307 
VAL HG13 H  N N 308 
VAL HG21 H  N N 309 
VAL HG22 H  N N 310 
VAL HG23 H  N N 311 
VAL HXT  H  N N 312 
# 
loop_
_chem_comp_bond.comp_id 
_chem_comp_bond.atom_id_1 
_chem_comp_bond.atom_id_2 
_chem_comp_bond.value_order 
_chem_comp_bond.pdbx_aromatic_flag 
_chem_comp_bond.pdbx_stereo_config 
_chem_comp_bond.pdbx_ordinal 
ALA N   CA   sing N N 1   
ALA N   H    sing N N 2   
ALA N   H2   sing N N 3   
ALA CA  C    sing N N 4   
ALA CA  CB   sing N N 5   
ALA CA  HA   sing N N 6   
ALA C   O    doub N N 7   
ALA C   OXT  sing N N 8   
ALA CB  HB1  sing N N 9   
ALA CB  HB2  sing N N 10  
ALA CB  HB3  sing N N 11  
ALA OXT HXT  sing N N 12  
ARG N   CA   sing N N 13  
ARG N   H    sing N N 14  
ARG N   H2   sing N N 15  
ARG CA  C    sing N N 16  
ARG CA  CB   sing N N 17  
ARG CA  HA   sing N N 18  
ARG C   O    doub N N 19  
ARG C   OXT  sing N N 20  
ARG CB  CG   sing N N 21  
ARG CB  HB2  sing N N 22  
ARG CB  HB3  sing N N 23  
ARG CG  CD   sing N N 24  
ARG CG  HG2  sing N N 25  
ARG CG  HG3  sing N N 26  
ARG CD  NE   sing N N 27  
ARG CD  HD2  sing N N 28  
ARG CD  HD3  sing N N 29  
ARG NE  CZ   sing N N 30  
ARG NE  HE   sing N N 31  
ARG CZ  NH1  sing N N 32  
ARG CZ  NH2  doub N N 33  
ARG NH1 HH11 sing N N 34  
ARG NH1 HH12 sing N N 35  
ARG NH2 HH21 sing N N 36  
ARG NH2 HH22 sing N N 37  
ARG OXT HXT  sing N N 38  
ASN N   CA   sing N N 39  
ASN N   H    sing N N 40  
ASN N   H2   sing N N 41  
ASN CA  C    sing N N 42  
ASN CA  CB   sing N N 43  
ASN CA  HA   sing N N 44  
ASN C   O    doub N N 45  
ASN C   OXT  sing N N 46  
ASN CB  CG   sing N N 47  
ASN CB  HB2  sing N N 48  
ASN CB  HB3  sing N N 49  
ASN CG  OD1  doub N N 50  
ASN CG  ND2  sing N N 51  
ASN ND2 HD21 sing N N 52  
ASN ND2 HD22 sing N N 53  
ASN OXT HXT  sing N N 54  
ASP N   CA   sing N N 55  
ASP N   H    sing N N 56  
ASP N   H2   sing N N 57  
ASP CA  C    sing N N 58  
ASP CA  CB   sing N N 59  
ASP CA  HA   sing N N 60  
ASP C   O    doub N N 61  
ASP C   OXT  sing N N 62  
ASP CB  CG   sing N N 63  
ASP CB  HB2  sing N N 64  
ASP CB  HB3  sing N N 65  
ASP CG  OD1  doub N N 66  
ASP CG  OD2  sing N N 67  
ASP OD2 HD2  sing N N 68  
ASP OXT HXT  sing N N 69  
GLN N   CA   sing N N 70  
GLN N   H    sing N N 71  
GLN N   H2   sing N N 72  
GLN CA  C    sing N N 73  
GLN CA  CB   sing N N 74  
GLN CA  HA   sing N N 75  
GLN C   O    doub N N 76  
GLN C   OXT  sing N N 77  
GLN CB  CG   sing N N 78  
GLN CB  HB2  sing N N 79  
GLN CB  HB3  sing N N 80  
GLN CG  CD   sing N N 81  
GLN CG  HG2  sing N N 82  
GLN CG  HG3  sing N N 83  
GLN CD  OE1  doub N N 84  
GLN CD  NE2  sing N N 85  
GLN NE2 HE21 sing N N 86  
GLN NE2 HE22 sing N N 87  
GLN OXT HXT  sing N N 88  
GLU N   CA   sing N N 89  
GLU N   H    sing N N 90  
GLU N   H2   sing N N 91  
GLU CA  C    sing N N 92  
GLU CA  CB   sing N N 93  
GLU CA  HA   sing N N 94  
GLU C   O    doub N N 95  
GLU C   OXT  sing N N 96  
GLU CB  CG   sing N N 97  
GLU CB  HB2  sing N N 98  
GLU CB  HB3  sing N N 99  
GLU CG  CD   sing N N 100 
GLU CG  HG2  sing N N 101 
GLU CG  HG3  sing N N 102 
GLU CD  OE1  doub N N 103 
GLU CD  OE2  sing N N 104 
GLU OE2 HE2  sing N N 105 
GLU OXT HXT  sing N N 106 
HOH O   H1   sing N N 107 
HOH O   H2   sing N N 108 
LEU N   CA   sing N N 109 
LEU N   H    sing N N 110 
LEU N   H2   sing N N 111 
LEU CA  C    sing N N 112 
LEU CA  CB   sing N N 113 
LEU CA  HA   sing N N 114 
LEU C   O    doub N N 115 
LEU C   OXT  sing N N 116 
LEU CB  CG   sing N N 117 
LEU CB  HB2  sing N N 118 
LEU CB  HB3  sing N N 119 
LEU CG  CD1  sing N N 120 
LEU CG  CD2  sing N N 121 
LEU CG  HG   sing N N 122 
LEU CD1 HD11 sing N N 123 
LEU CD1 HD12 sing N N 124 
LEU CD1 HD13 sing N N 125 
LEU CD2 HD21 sing N N 126 
LEU CD2 HD22 sing N N 127 
LEU CD2 HD23 sing N N 128 
LEU OXT HXT  sing N N 129 
LYS N   CA   sing N N 130 
LYS N   H    sing N N 131 
LYS N   H2   sing N N 132 
LYS CA  C    sing N N 133 
LYS CA  CB   sing N N 134 
LYS CA  HA   sing N N 135 
LYS C   O    doub N N 136 
LYS C   OXT  sing N N 137 
LYS CB  CG   sing N N 138 
LYS CB  HB2  sing N N 139 
LYS CB  HB3  sing N N 140 
LYS CG  CD   sing N N 141 
LYS CG  HG2  sing N N 142 
LYS CG  HG3  sing N N 143 
LYS CD  CE   sing N N 144 
LYS CD  HD2  sing N N 145 
LYS CD  HD3  sing N N 146 
LYS CE  NZ   sing N N 147 
LYS CE  HE2  sing N N 148 
LYS CE  HE3  sing N N 149 
LYS NZ  HZ1  sing N N 150 
LYS NZ  HZ2  sing N N 151 
LYS NZ  HZ3  sing N N 152 
LYS OXT HXT  sing N N 153 
MET N   CA   sing N N 154 
MET N   H    sing N N 155 
MET N   H2   sing N N 156 
MET CA  C    sing N N 157 
MET CA  CB   sing N N 158 
MET CA  HA   sing N N 159 
MET C   O    doub N N 160 
MET C   OXT  sing N N 161 
MET CB  CG   sing N N 162 
MET CB  HB2  sing N N 163 
MET CB  HB3  sing N N 164 
MET CG  SD   sing N N 165 
MET CG  HG2  sing N N 166 
MET CG  HG3  sing N N 167 
MET SD  CE   sing N N 168 
MET CE  HE1  sing N N 169 
MET CE  HE2  sing N N 170 
MET CE  HE3  sing N N 171 
MET OXT HXT  sing N N 172 
PHE N   CA   sing N N 173 
PHE N   H    sing N N 174 
PHE N   H2   sing N N 175 
PHE CA  C    sing N N 176 
PHE CA  CB   sing N N 177 
PHE CA  HA   sing N N 178 
PHE C   O    doub N N 179 
PHE C   OXT  sing N N 180 
PHE CB  CG   sing N N 181 
PHE CB  HB2  sing N N 182 
PHE CB  HB3  sing N N 183 
PHE CG  CD1  doub Y N 184 
PHE CG  CD2  sing Y N 185 
PHE CD1 CE1  sing Y N 186 
PHE CD1 HD1  sing N N 187 
PHE CD2 CE2  doub Y N 188 
PHE CD2 HD2  sing N N 189 
PHE CE1 CZ   doub Y N 190 
PHE CE1 HE1  sing N N 191 
PHE CE2 CZ   sing Y N 192 
PHE CE2 HE2  sing N N 193 
PHE CZ  HZ   sing N N 194 
PHE OXT HXT  sing N N 195 
SER N   CA   sing N N 196 
SER N   H    sing N N 197 
SER N   H2   sing N N 198 
SER CA  C    sing N N 199 
SER CA  CB   sing N N 200 
SER CA  HA   sing N N 201 
SER C   O    doub N N 202 
SER C   OXT  sing N N 203 
SER CB  OG   sing N N 204 
SER CB  HB2  sing N N 205 
SER CB  HB3  sing N N 206 
SER OG  HG   sing N N 207 
SER OXT HXT  sing N N 208 
SO4 S   O1   doub N N 209 
SO4 S   O2   doub N N 210 
SO4 S   O3   sing N N 211 
SO4 S   O4   sing N N 212 
THR N   CA   sing N N 213 
THR N   H    sing N N 214 
THR N   H2   sing N N 215 
THR CA  C    sing N N 216 
THR CA  CB   sing N N 217 
THR CA  HA   sing N N 218 
THR C   O    doub N N 219 
THR C   OXT  sing N N 220 
THR CB  OG1  sing N N 221 
THR CB  CG2  sing N N 222 
THR CB  HB   sing N N 223 
THR OG1 HG1  sing N N 224 
THR CG2 HG21 sing N N 225 
THR CG2 HG22 sing N N 226 
THR CG2 HG23 sing N N 227 
THR OXT HXT  sing N N 228 
TRP N   CA   sing N N 229 
TRP N   H    sing N N 230 
TRP N   H2   sing N N 231 
TRP CA  C    sing N N 232 
TRP CA  CB   sing N N 233 
TRP CA  HA   sing N N 234 
TRP C   O    doub N N 235 
TRP C   OXT  sing N N 236 
TRP CB  CG   sing N N 237 
TRP CB  HB2  sing N N 238 
TRP CB  HB3  sing N N 239 
TRP CG  CD1  doub Y N 240 
TRP CG  CD2  sing Y N 241 
TRP CD1 NE1  sing Y N 242 
TRP CD1 HD1  sing N N 243 
TRP CD2 CE2  doub Y N 244 
TRP CD2 CE3  sing Y N 245 
TRP NE1 CE2  sing Y N 246 
TRP NE1 HE1  sing N N 247 
TRP CE2 CZ2  sing Y N 248 
TRP CE3 CZ3  doub Y N 249 
TRP CE3 HE3  sing N N 250 
TRP CZ2 CH2  doub Y N 251 
TRP CZ2 HZ2  sing N N 252 
TRP CZ3 CH2  sing Y N 253 
TRP CZ3 HZ3  sing N N 254 
TRP CH2 HH2  sing N N 255 
TRP OXT HXT  sing N N 256 
TYR N   CA   sing N N 257 
TYR N   H    sing N N 258 
TYR N   H2   sing N N 259 
TYR CA  C    sing N N 260 
TYR CA  CB   sing N N 261 
TYR CA  HA   sing N N 262 
TYR C   O    doub N N 263 
TYR C   OXT  sing N N 264 
TYR CB  CG   sing N N 265 
TYR CB  HB2  sing N N 266 
TYR CB  HB3  sing N N 267 
TYR CG  CD1  doub Y N 268 
TYR CG  CD2  sing Y N 269 
TYR CD1 CE1  sing Y N 270 
TYR CD1 HD1  sing N N 271 
TYR CD2 CE2  doub Y N 272 
TYR CD2 HD2  sing N N 273 
TYR CE1 CZ   doub Y N 274 
TYR CE1 HE1  sing N N 275 
TYR CE2 CZ   sing Y N 276 
TYR CE2 HE2  sing N N 277 
TYR CZ  OH   sing N N 278 
TYR OH  HH   sing N N 279 
TYR OXT HXT  sing N N 280 
VAL N   CA   sing N N 281 
VAL N   H    sing N N 282 
VAL N   H2   sing N N 283 
VAL CA  C    sing N N 284 
VAL CA  CB   sing N N 285 
VAL CA  HA   sing N N 286 
VAL C   O    doub N N 287 
VAL C   OXT  sing N N 288 
VAL CB  CG1  sing N N 289 
VAL CB  CG2  sing N N 290 
VAL CB  HB   sing N N 291 
VAL CG1 HG11 sing N N 292 
VAL CG1 HG12 sing N N 293 
VAL CG1 HG13 sing N N 294 
VAL CG2 HG21 sing N N 295 
VAL CG2 HG22 sing N N 296 
VAL CG2 HG23 sing N N 297 
VAL OXT HXT  sing N N 298 
# 
_atom_sites.entry_id                    3A03 
_atom_sites.fract_transf_matrix[1][1]   0.00367493 
_atom_sites.fract_transf_matrix[1][2]   0.01022458 
_atom_sites.fract_transf_matrix[1][3]   -0.00882749 
_atom_sites.fract_transf_matrix[2][1]   -0.02207153 
_atom_sites.fract_transf_matrix[2][2]   0.01737924 
_atom_sites.fract_transf_matrix[2][3]   0.01094128 
_atom_sites.fract_transf_matrix[3][1]   0.01989419 
_atom_sites.fract_transf_matrix[3][2]   0.01519673 
_atom_sites.fract_transf_matrix[3][3]   0.01599333 
_atom_sites.fract_transf_vector[1]      0.617894 
_atom_sites.fract_transf_vector[2]      0.540304 
_atom_sites.fract_transf_vector[3]      0.316663 
# 
loop_
_atom_type.symbol 
C  
N  
NA 
O  
S  
# 
loop_
_atom_site.group_PDB 
_atom_site.id 
_atom_site.type_symbol 
_atom_site.label_atom_id 
_atom_site.label_alt_id 
_atom_site.label_comp_id 
_atom_site.label_asym_id 
_atom_site.label_entity_id 
_atom_site.label_seq_id 
_atom_site.pdbx_PDB_ins_code 
_atom_site.Cartn_x 
_atom_site.Cartn_y 
_atom_site.Cartn_z 
_atom_site.occupancy 
_atom_site.B_iso_or_equiv 
_atom_site.pdbx_formal_charge 
_atom_site.auth_seq_id 
_atom_site.auth_comp_id 
_atom_site.auth_asym_id 
_atom_site.auth_atom_id 
_atom_site.pdbx_PDB_model_num 
ATOM   1   N  N   . PHE A 1 4  ? -9.283  -5.528  4.144   1.00 28.32 ? 164 PHE A N   1 
ATOM   2   C  CA  . PHE A 1 4  ? -8.117  -6.454  4.060   1.00 26.07 ? 164 PHE A CA  1 
ATOM   3   C  C   . PHE A 1 4  ? -7.896  -7.053  5.441   1.00 24.66 ? 164 PHE A C   1 
ATOM   4   O  O   . PHE A 1 4  ? -8.447  -6.554  6.426   1.00 26.03 ? 164 PHE A O   1 
ATOM   5   C  CB  . PHE A 1 4  ? -6.879  -5.701  3.553   1.00 26.37 ? 164 PHE A CB  1 
ATOM   6   C  CG  . PHE A 1 4  ? -7.089  -5.061  2.212   1.00 26.57 ? 164 PHE A CG  1 
ATOM   7   C  CD1 . PHE A 1 4  ? -7.281  -5.852  1.081   1.00 28.83 ? 164 PHE A CD1 1 
ATOM   8   C  CD2 . PHE A 1 4  ? -7.180  -3.678  2.091   1.00 28.91 ? 164 PHE A CD2 1 
ATOM   9   C  CE1 . PHE A 1 4  ? -7.546  -5.279  -0.155  1.00 29.47 ? 164 PHE A CE1 1 
ATOM   10  C  CE2 . PHE A 1 4  ? -7.416  -3.088  0.843   1.00 29.42 ? 164 PHE A CE2 1 
ATOM   11  C  CZ  . PHE A 1 4  ? -7.606  -3.883  -0.276  1.00 28.89 ? 164 PHE A CZ  1 
ATOM   12  N  N   . SER A 1 5  ? -7.129  -8.134  5.517   1.00 23.30 ? 165 SER A N   1 
ATOM   13  C  CA  . SER A 1 5  ? -6.842  -8.754  6.822   1.00 22.95 ? 165 SER A CA  1 
ATOM   14  C  C   . SER A 1 5  ? -5.939  -7.865  7.674   1.00 23.84 ? 165 SER A C   1 
ATOM   15  O  O   . SER A 1 5  ? -5.271  -6.971  7.152   1.00 23.06 ? 165 SER A O   1 
ATOM   16  C  CB  . SER A 1 5  ? -6.181  -10.125 6.644   1.00 23.44 ? 165 SER A CB  1 
ATOM   17  O  OG  . SER A 1 5  ? -4.810  -10.011 6.260   1.00 23.41 ? 165 SER A OG  1 
ATOM   18  N  N   . ARG A 1 6  ? -5.924  -8.105  8.982   1.00 24.34 ? 166 ARG A N   1 
ATOM   19  C  CA  . ARG A 1 6  ? -4.994  -7.372  9.869   1.00 24.23 ? 166 ARG A CA  1 
ATOM   20  C  C   . ARG A 1 6  ? -3.546  -7.439  9.373   1.00 23.61 ? 166 ARG A C   1 
ATOM   21  O  O   . ARG A 1 6  ? -2.848  -6.413  9.337   1.00 22.94 ? 166 ARG A O   1 
ATOM   22  C  CB  . ARG A 1 6  ? -5.086  -7.921  11.289  1.00 25.64 ? 166 ARG A CB  1 
ATOM   23  C  CG  . ARG A 1 6  ? -6.405  -7.571  11.951  1.00 27.60 ? 166 ARG A CG  1 
ATOM   24  C  CD  . ARG A 1 6  ? -6.609  -8.437  13.193  1.00 33.97 ? 166 ARG A CD  1 
ATOM   25  N  NE  . ARG A 1 6  ? -6.608  -9.869  12.871  1.00 37.72 ? 166 ARG A NE  1 
ATOM   26  C  CZ  . ARG A 1 6  ? -6.640  -10.851 13.773  1.00 39.83 ? 166 ARG A CZ  1 
ATOM   27  N  NH1 . ARG A 1 6  ? -6.658  -10.570 15.074  1.00 41.59 ? 166 ARG A NH1 1 
ATOM   28  N  NH2 . ARG A 1 6  ? -6.635  -12.118 13.369  1.00 39.24 ? 166 ARG A NH2 1 
ATOM   29  N  N   . SER A 1 7  ? -3.100  -8.622  8.968   1.00 22.20 ? 167 SER A N   1 
ATOM   30  C  CA  . SER A 1 7  ? -1.753  -8.788  8.461   1.00 21.64 ? 167 SER A CA  1 
ATOM   31  C  C   . SER A 1 7  ? -1.527  -8.035  7.163   1.00 21.76 ? 167 SER A C   1 
ATOM   32  O  O   . SER A 1 7  ? -0.487  -7.409  6.976   1.00 21.82 ? 167 SER A O   1 
ATOM   33  C  CB  . SER A 1 7  ? -1.407  -10.280 8.287   1.00 22.36 ? 167 SER A CB  1 
ATOM   34  O  OG  . SER A 1 7  ? -0.099  -10.428 7.763   1.00 25.55 ? 167 SER A OG  1 
ATOM   35  N  N   . GLN A 1 8  ? -2.467  -8.138  6.226   1.00 20.82 ? 168 GLN A N   1 
ATOM   36  C  CA  . GLN A 1 8  ? -2.323  -7.373  4.987   1.00 20.26 ? 168 GLN A CA  1 
ATOM   37  C  C   . GLN A 1 8  ? -2.146  -5.882  5.273   1.00 19.87 ? 168 GLN A C   1 
ATOM   38  O  O   . GLN A 1 8  ? -1.249  -5.254  4.694   1.00 20.29 ? 168 GLN A O   1 
ATOM   39  C  CB  . GLN A 1 8  ? -3.516  -7.590  4.043   1.00 20.07 ? 168 GLN A CB  1 
ATOM   40  C  CG  . GLN A 1 8  ? -3.550  -9.002  3.441   1.00 21.31 ? 168 GLN A CG  1 
ATOM   41  C  CD  . GLN A 1 8  ? -4.822  -9.290  2.650   1.00 20.36 ? 168 GLN A CD  1 
ATOM   42  O  OE1 . GLN A 1 8  ? -5.940  -8.998  3.112   1.00 22.89 ? 168 GLN A OE1 1 
ATOM   43  N  NE2 . GLN A 1 8  ? -4.657  -9.846  1.456   1.00 21.15 ? 168 GLN A NE2 1 
ATOM   44  N  N   . VAL A 1 9  ? -2.995  -5.325  6.130   1.00 19.59 ? 169 VAL A N   1 
ATOM   45  C  CA  . VAL A 1 9  ? -2.909  -3.885  6.453   1.00 19.92 ? 169 VAL A CA  1 
ATOM   46  C  C   . VAL A 1 9  ? -1.559  -3.564  7.095   1.00 20.35 ? 169 VAL A C   1 
ATOM   47  O  O   . VAL A 1 9  ? -0.909  -2.559  6.736   1.00 20.12 ? 169 VAL A O   1 
ATOM   48  C  CB  . VAL A 1 9  ? -4.060  -3.406  7.353   1.00 20.67 ? 169 VAL A CB  1 
ATOM   49  C  CG1 . VAL A 1 9  ? -3.839  -1.933  7.756   1.00 22.39 ? 169 VAL A CG1 1 
ATOM   50  C  CG2 . VAL A 1 9  ? -5.384  -3.552  6.608   1.00 21.45 ? 169 VAL A CG2 1 
ATOM   51  N  N   . LEU A 1 10 ? -1.118  -4.395  8.034   1.00 20.10 ? 170 LEU A N   1 
ATOM   52  C  CA  . LEU A 1 10 ? 0.181   -4.129  8.688   1.00 20.09 ? 170 LEU A CA  1 
ATOM   53  C  C   . LEU A 1 10 ? 1.335   -4.135  7.695   1.00 20.50 ? 170 LEU A C   1 
ATOM   54  O  O   . LEU A 1 10 ? 2.230   -3.265  7.767   1.00 21.66 ? 170 LEU A O   1 
ATOM   55  C  CB  . LEU A 1 10 ? 0.473   -5.123  9.812   1.00 20.51 ? 170 LEU A CB  1 
ATOM   56  C  CG  . LEU A 1 10 ? -0.425  -5.100  11.034  1.00 24.80 ? 170 LEU A CG  1 
ATOM   57  C  CD1 . LEU A 1 10 ? 0.085   -6.126  12.082  1.00 27.76 ? 170 LEU A CD1 1 
ATOM   58  C  CD2 . LEU A 1 10 ? -0.513  -3.681  11.608  1.00 29.24 ? 170 LEU A CD2 1 
ATOM   59  N  N   . GLU A 1 11 ? 1.319   -5.083  6.756   1.00 20.39 ? 171 GLU A N   1 
ATOM   60  C  CA  . GLU A 1 11 ? 2.379   -5.161  5.755   1.00 20.11 ? 171 GLU A CA  1 
ATOM   61  C  C   . GLU A 1 11 ? 2.344   -3.970  4.784   1.00 20.67 ? 171 GLU A C   1 
ATOM   62  O  O   . GLU A 1 11 ? 3.398   -3.461  4.382   1.00 21.06 ? 171 GLU A O   1 
ATOM   63  C  CB  . GLU A 1 11 ? 2.354   -6.489  4.990   1.00 21.42 ? 171 GLU A CB  1 
ATOM   64  C  CG  . GLU A 1 11 ? 2.577   -7.748  5.872   1.00 22.41 ? 171 GLU A CG  1 
ATOM   65  C  CD  . GLU A 1 11 ? 3.872   -7.655  6.675   1.00 26.04 ? 171 GLU A CD  1 
ATOM   66  O  OE1 . GLU A 1 11 ? 4.913   -7.188  6.135   1.00 28.84 ? 171 GLU A OE1 1 
ATOM   67  O  OE2 . GLU A 1 11 ? 3.827   -8.044  7.858   1.00 28.98 ? 171 GLU A OE2 1 
ATOM   68  N  N   . LEU A 1 12 ? 1.141   -3.511  4.432   1.00 19.44 ? 172 LEU A N   1 
ATOM   69  C  CA  . LEU A 1 12 ? 1.000   -2.303  3.609   1.00 19.22 ? 172 LEU A CA  1 
ATOM   70  C  C   . LEU A 1 12 ? 1.573   -1.114  4.369   1.00 20.05 ? 172 LEU A C   1 
ATOM   71  O  O   . LEU A 1 12 ? 2.330   -0.329  3.781   1.00 20.15 ? 172 LEU A O   1 
ATOM   72  C  CB  . LEU A 1 12 ? -0.480  -2.055  3.253   1.00 18.25 ? 172 LEU A CB  1 
ATOM   73  C  CG  . LEU A 1 12 ? -1.065  -3.079  2.258   1.00 19.04 ? 172 LEU A CG  1 
ATOM   74  C  CD1 . LEU A 1 12 ? -2.586  -2.999  2.338   1.00 19.94 ? 172 LEU A CD1 1 
ATOM   75  C  CD2 . LEU A 1 12 ? -0.567  -2.840  0.830   1.00 19.06 ? 172 LEU A CD2 1 
ATOM   76  N  N   . GLU A 1 13 ? 1.244   -1.002  5.670   1.00 19.47 ? 173 GLU A N   1 
ATOM   77  C  CA  . GLU A 1 13 ? 1.755   0.109   6.513   1.00 20.83 ? 173 GLU A CA  1 
ATOM   78  C  C   . GLU A 1 13 ? 3.276   0.047   6.632   1.00 21.85 ? 173 GLU A C   1 
ATOM   79  O  O   . GLU A 1 13 ? 3.953   1.093   6.599   1.00 22.08 ? 173 GLU A O   1 
ATOM   80  C  CB  . GLU A 1 13 ? 1.117   0.085   7.913   1.00 21.00 ? 173 GLU A CB  1 
ATOM   81  C  CG  . GLU A 1 13 ? -0.423  0.331   7.992   1.00 23.85 ? 173 GLU A CG  1 
ATOM   82  C  CD  . GLU A 1 13 ? -0.872  1.767   7.766   1.00 28.59 ? 173 GLU A CD  1 
ATOM   83  O  OE1 . GLU A 1 13 ? 0.008   2.608   7.437   1.00 24.89 ? 173 GLU A OE1 1 
ATOM   84  O  OE2 . GLU A 1 13 ? -2.102  2.018   7.918   1.00 27.69 ? 173 GLU A OE2 1 
ATOM   85  N  N   . ARG A 1 14 ? 3.828   -1.163  6.732   1.00 22.21 ? 174 ARG A N   1 
ATOM   86  C  CA  . ARG A 1 14 ? 5.277   -1.287  6.838   1.00 23.22 ? 174 ARG A CA  1 
ATOM   87  C  C   . ARG A 1 14 ? 5.936   -0.706  5.593   1.00 23.38 ? 174 ARG A C   1 
ATOM   88  O  O   . ARG A 1 14 ? 6.938   0.001   5.688   1.00 23.82 ? 174 ARG A O   1 
ATOM   89  C  CB  . ARG A 1 14 ? 5.647   -2.736  7.016   1.00 23.68 ? 174 ARG A CB  1 
ATOM   90  C  CG  . ARG A 1 14 ? 5.408   -3.205  8.445   1.00 30.27 ? 174 ARG A CG  1 
ATOM   91  C  CD  . ARG A 1 14 ? 6.528   -4.159  8.816   1.00 37.34 ? 174 ARG A CD  1 
ATOM   92  N  NE  . ARG A 1 14 ? 6.834   -5.079  7.724   1.00 42.73 ? 174 ARG A NE  1 
ATOM   93  C  CZ  . ARG A 1 14 ? 8.035   -5.562  7.439   1.00 42.76 ? 174 ARG A CZ  1 
ATOM   94  N  NH1 . ARG A 1 14 ? 8.174   -6.401  6.421   1.00 45.53 ? 174 ARG A NH1 1 
ATOM   95  N  NH2 . ARG A 1 14 ? 9.095   -5.218  8.152   1.00 40.43 ? 174 ARG A NH2 1 
ATOM   96  N  N   . ARG A 1 15 ? 5.340   -0.959  4.426   1.00 21.58 ? 175 ARG A N   1 
ATOM   97  C  CA  . ARG A 1 15 ? 5.934   -0.445  3.184   1.00 21.84 ? 175 ARG A CA  1 
ATOM   98  C  C   . ARG A 1 15 ? 5.759   1.060   3.093   1.00 21.66 ? 175 ARG A C   1 
ATOM   99  O  O   . ARG A 1 15 ? 6.668   1.768   2.654   1.00 22.24 ? 175 ARG A O   1 
ATOM   100 C  CB  . ARG A 1 15 ? 5.289   -1.138  1.983   1.00 21.69 ? 175 ARG A CB  1 
ATOM   101 C  CG  . ARG A 1 15 ? 5.895   -0.774  0.621   1.00 22.60 ? 175 ARG A CG  1 
ATOM   102 C  CD  . ARG A 1 15 ? 7.413   -0.954  0.640   1.00 24.87 ? 175 ARG A CD  1 
ATOM   103 N  NE  . ARG A 1 15 ? 7.991   -0.766  -0.688  1.00 26.51 ? 175 ARG A NE  1 
ATOM   104 C  CZ  . ARG A 1 15 ? 8.040   -1.695  -1.646  1.00 27.58 ? 175 ARG A CZ  1 
ATOM   105 N  NH1 . ARG A 1 15 ? 7.568   -2.908  -1.442  1.00 25.35 ? 175 ARG A NH1 1 
ATOM   106 N  NH2 . ARG A 1 15 ? 8.581   -1.394  -2.822  1.00 27.99 ? 175 ARG A NH2 1 
ATOM   107 N  N   . PHE A 1 16 ? 4.589   1.555   3.477   1.00 20.92 ? 176 PHE A N   1 
ATOM   108 C  CA  . PHE A 1 16 ? 4.278   2.988   3.385   1.00 20.51 ? 176 PHE A CA  1 
ATOM   109 C  C   . PHE A 1 16 ? 5.231   3.813   4.231   1.00 22.92 ? 176 PHE A C   1 
ATOM   110 O  O   . PHE A 1 16 ? 5.625   4.917   3.834   1.00 23.71 ? 176 PHE A O   1 
ATOM   111 C  CB  . PHE A 1 16 ? 2.839   3.274   3.843   1.00 20.70 ? 176 PHE A CB  1 
ATOM   112 C  CG  . PHE A 1 16 ? 2.420   4.709   3.654   1.00 20.76 ? 176 PHE A CG  1 
ATOM   113 C  CD1 . PHE A 1 16 ? 2.027   5.163   2.402   1.00 20.52 ? 176 PHE A CD1 1 
ATOM   114 C  CD2 . PHE A 1 16 ? 2.405   5.599   4.741   1.00 23.27 ? 176 PHE A CD2 1 
ATOM   115 C  CE1 . PHE A 1 16 ? 1.631   6.494   2.222   1.00 19.24 ? 176 PHE A CE1 1 
ATOM   116 C  CE2 . PHE A 1 16 ? 1.985   6.930   4.573   1.00 23.13 ? 176 PHE A CE2 1 
ATOM   117 C  CZ  . PHE A 1 16 ? 1.630   7.375   3.297   1.00 21.79 ? 176 PHE A CZ  1 
ATOM   118 N  N   . LEU A 1 17 ? 5.561   3.315   5.407   1.00 24.62 ? 177 LEU A N   1 
ATOM   119 C  CA  . LEU A 1 17 ? 6.468   4.077   6.273   1.00 26.92 ? 177 LEU A CA  1 
ATOM   120 C  C   . LEU A 1 17 ? 7.751   4.427   5.502   1.00 27.99 ? 177 LEU A C   1 
ATOM   121 O  O   . LEU A 1 17 ? 8.203   5.601   5.572   1.00 29.89 ? 177 LEU A O   1 
ATOM   122 C  CB  . LEU A 1 17 ? 6.764   3.311   7.586   1.00 27.08 ? 177 LEU A CB  1 
ATOM   123 C  CG  . LEU A 1 17 ? 7.474   4.096   8.704   1.00 30.16 ? 177 LEU A CG  1 
ATOM   124 C  CD1 . LEU A 1 17 ? 6.814   5.455   8.941   1.00 32.88 ? 177 LEU A CD1 1 
ATOM   125 C  CD2 . LEU A 1 17 ? 7.418   3.250   9.856   0.00 36.18 ? 177 LEU A CD2 1 
ATOM   126 N  N   . ARG A 1 18 ? 8.281   3.440   4.750   1.00 28.30 ? 178 ARG A N   1 
ATOM   127 C  CA  . ARG A 1 18 ? 9.498   3.561   3.899   1.00 29.23 ? 178 ARG A CA  1 
ATOM   128 C  C   . ARG A 1 18 ? 9.311   4.348   2.594   1.00 28.55 ? 178 ARG A C   1 
ATOM   129 O  O   . ARG A 1 18 ? 10.156  5.162   2.228   1.00 29.57 ? 178 ARG A O   1 
ATOM   130 C  CB  . ARG A 1 18 ? 10.008  2.187   3.485   1.00 29.58 ? 178 ARG A CB  1 
ATOM   131 C  CG  . ARG A 1 18 ? 10.344  1.228   4.607   1.00 34.67 ? 178 ARG A CG  1 
ATOM   132 C  CD  . ARG A 1 18 ? 11.303  0.166   4.119   1.00 39.84 ? 178 ARG A CD  1 
ATOM   133 N  NE  . ARG A 1 18 ? 10.714  -0.837  3.230   1.00 43.74 ? 178 ARG A NE  1 
ATOM   134 C  CZ  . ARG A 1 18 ? 10.897  -0.885  1.909   1.00 45.58 ? 178 ARG A CZ  1 
ATOM   135 N  NH1 . ARG A 1 18 ? 11.628  0.035   1.292   1.00 46.28 ? 178 ARG A NH1 1 
ATOM   136 N  NH2 . ARG A 1 18 ? 10.337  -1.852  1.196   1.00 47.03 ? 178 ARG A NH2 1 
ATOM   137 N  N   . GLN A 1 19 ? 8.230   4.069   1.868   1.00 26.66 ? 179 GLN A N   1 
ATOM   138 C  CA  . GLN A 1 19 ? 7.990   4.673   0.557   1.00 25.27 ? 179 GLN A CA  1 
ATOM   139 C  C   . GLN A 1 19 ? 6.531   5.092   0.466   1.00 23.58 ? 179 GLN A C   1 
ATOM   140 O  O   . GLN A 1 19 ? 5.644   4.234   0.514   1.00 23.57 ? 179 GLN A O   1 
ATOM   141 C  CB  . GLN A 1 19 ? 8.295   3.665   -0.560  1.00 25.62 ? 179 GLN A CB  1 
ATOM   142 C  CG  . GLN A 1 19 ? 9.775   3.415   -0.714  1.00 27.45 ? 179 GLN A CG  1 
ATOM   143 C  CD  . GLN A 1 19 ? 10.091  2.174   -1.479  1.00 29.87 ? 179 GLN A CD  1 
ATOM   144 O  OE1 . GLN A 1 19 ? 9.191   1.421   -1.881  1.00 31.96 ? 179 GLN A OE1 1 
ATOM   145 N  NE2 . GLN A 1 19 ? 11.390  1.939   -1.703  1.00 32.95 ? 179 GLN A NE2 1 
ATOM   146 N  N   . LYS A 1 20 ? 6.280   6.387   0.290   1.00 22.85 ? 180 LYS A N   1 
ATOM   147 C  CA  . LYS A 1 20 ? 4.900   6.901   0.200   1.00 22.19 ? 180 LYS A CA  1 
ATOM   148 C  C   . LYS A 1 20 ? 4.269   6.630   -1.170  1.00 21.63 ? 180 LYS A C   1 
ATOM   149 O  O   . LYS A 1 20 ? 3.042   6.580   -1.303  1.00 20.45 ? 180 LYS A O   1 
ATOM   150 C  CB  . LYS A 1 20 ? 4.857   8.400   0.503   1.00 22.70 ? 180 LYS A CB  1 
ATOM   151 C  CG  . LYS A 1 20 ? 5.498   8.818   1.820   1.00 26.43 ? 180 LYS A CG  1 
ATOM   152 C  CD  . LYS A 1 20 ? 4.528   8.649   2.927   1.00 28.08 ? 180 LYS A CD  1 
ATOM   153 C  CE  . LYS A 1 20 ? 5.174   8.943   4.254   1.00 28.45 ? 180 LYS A CE  1 
ATOM   154 N  NZ  . LYS A 1 20 ? 6.096   7.793   4.574   1.00 28.95 ? 180 LYS A NZ  1 
ATOM   155 N  N   . TYR A 1 21 ? 5.131   6.480   -2.191  1.00 20.45 ? 181 TYR A N   1 
ATOM   156 C  CA  . TYR A 1 21 ? 4.735   6.115   -3.551  1.00 20.12 ? 181 TYR A CA  1 
ATOM   157 C  C   . TYR A 1 21 ? 5.543   4.901   -3.976  1.00 19.65 ? 181 TYR A C   1 
ATOM   158 O  O   . TYR A 1 21 ? 6.737   4.798   -3.658  1.00 20.09 ? 181 TYR A O   1 
ATOM   159 C  CB  . TYR A 1 21 ? 5.038   7.221   -4.557  1.00 20.52 ? 181 TYR A CB  1 
ATOM   160 C  CG  . TYR A 1 21 ? 4.336   8.521   -4.305  1.00 19.55 ? 181 TYR A CG  1 
ATOM   161 C  CD1 . TYR A 1 21 ? 3.135   8.839   -4.966  1.00 20.80 ? 181 TYR A CD1 1 
ATOM   162 C  CD2 . TYR A 1 21 ? 4.901   9.445   -3.424  1.00 21.99 ? 181 TYR A CD2 1 
ATOM   163 C  CE1 . TYR A 1 21 ? 2.509   10.086  -4.745  1.00 21.75 ? 181 TYR A CE1 1 
ATOM   164 C  CE2 . TYR A 1 21 ? 4.283   10.665  -3.191  1.00 24.81 ? 181 TYR A CE2 1 
ATOM   165 C  CZ  . TYR A 1 21 ? 3.098   10.965  -3.842  1.00 22.87 ? 181 TYR A CZ  1 
ATOM   166 O  OH  . TYR A 1 21 ? 2.524   12.202  -3.599  1.00 27.08 ? 181 TYR A OH  1 
ATOM   167 N  N   . LEU A 1 22 ? 4.870   3.999   -4.702  1.00 19.26 ? 182 LEU A N   1 
ATOM   168 C  CA  . LEU A 1 22 ? 5.536   2.824   -5.301  1.00 20.06 ? 182 LEU A CA  1 
ATOM   169 C  C   . LEU A 1 22 ? 5.479   2.947   -6.828  1.00 20.02 ? 182 LEU A C   1 
ATOM   170 O  O   . LEU A 1 22 ? 4.575   3.591   -7.375  1.00 19.72 ? 182 LEU A O   1 
ATOM   171 C  CB  . LEU A 1 22 ? 4.822   1.533   -4.880  1.00 21.08 ? 182 LEU A CB  1 
ATOM   172 C  CG  . LEU A 1 22 ? 5.207   0.950   -3.508  1.00 24.28 ? 182 LEU A CG  1 
ATOM   173 C  CD1 . LEU A 1 22 ? 5.200   1.916   -2.320  1.00 28.27 ? 182 LEU A CD1 1 
ATOM   174 C  CD2 . LEU A 1 22 ? 4.354   -0.267  -3.216  1.00 24.90 ? 182 LEU A CD2 1 
ATOM   175 N  N   . ALA A 1 23 ? 6.463   2.350   -7.509  1.00 20.00 ? 183 ALA A N   1 
ATOM   176 C  CA  . ALA A 1 23 ? 6.384   2.216   -8.949  1.00 21.09 ? 183 ALA A CA  1 
ATOM   177 C  C   . ALA A 1 23 ? 5.376   1.130   -9.341  1.00 22.20 ? 183 ALA A C   1 
ATOM   178 O  O   . ALA A 1 23 ? 5.010   0.276   -8.526  1.00 21.54 ? 183 ALA A O   1 
ATOM   179 C  CB  . ALA A 1 23 ? 7.760   1.906   -9.509  1.00 21.66 ? 183 ALA A CB  1 
ATOM   180 N  N   . SER A 1 24 ? 4.965   1.132   -10.606 1.00 22.95 ? 184 SER A N   1 
ATOM   181 C  CA  . SER A 1 24 ? 4.006   0.141   -11.075 1.00 24.58 ? 184 SER A CA  1 
ATOM   182 C  C   . SER A 1 24 ? 4.490   -1.294  -10.798 1.00 23.96 ? 184 SER A C   1 
ATOM   183 O  O   . SER A 1 24 ? 3.734   -2.106  -10.268 1.00 24.05 ? 184 SER A O   1 
ATOM   184 C  CB  . SER A 1 24 ? 3.684   0.345   -12.562 1.00 25.45 ? 184 SER A CB  1 
ATOM   185 O  OG  . SER A 1 24 ? 2.865   -0.708  -13.043 1.00 28.99 ? 184 SER A OG  1 
ATOM   186 N  N   . ALA A 1 25 ? 5.749   -1.596  -11.120 1.00 23.46 ? 185 ALA A N   1 
ATOM   187 C  CA  . ALA A 1 25 ? 6.311   -2.933  -10.886 1.00 23.83 ? 185 ALA A CA  1 
ATOM   188 C  C   . ALA A 1 25 ? 6.378   -3.304  -9.409  1.00 23.26 ? 185 ALA A C   1 
ATOM   189 O  O   . ALA A 1 25 ? 6.239   -4.472  -9.023  1.00 24.07 ? 185 ALA A O   1 
ATOM   190 C  CB  . ALA A 1 25 ? 7.715   -3.048  -11.512 1.00 24.32 ? 185 ALA A CB  1 
ATOM   191 N  N   . GLU A 1 26 ? 6.640   -2.302  -8.571  1.00 21.70 ? 186 GLU A N   1 
ATOM   192 C  CA  . GLU A 1 26 ? 6.690   -2.525  -7.129  1.00 21.15 ? 186 GLU A CA  1 
ATOM   193 C  C   . GLU A 1 26 ? 5.308   -2.838  -6.566  1.00 20.89 ? 186 GLU A C   1 
ATOM   194 O  O   . GLU A 1 26 ? 5.169   -3.683  -5.688  1.00 21.05 ? 186 GLU A O   1 
ATOM   195 C  CB  . GLU A 1 26 ? 7.276   -1.312  -6.417  1.00 21.48 ? 186 GLU A CB  1 
ATOM   196 C  CG  . GLU A 1 26 ? 8.754   -1.083  -6.730  1.00 22.55 ? 186 GLU A CG  1 
ATOM   197 C  CD  . GLU A 1 26 ? 9.303   0.199   -6.116  1.00 21.38 ? 186 GLU A CD  1 
ATOM   198 O  OE1 . GLU A 1 26 ? 8.554   1.194   -5.960  1.00 22.39 ? 186 GLU A OE1 1 
ATOM   199 O  OE2 . GLU A 1 26 ? 10.521  0.217   -5.798  1.00 23.13 ? 186 GLU A OE2 1 
ATOM   200 N  N   . ARG A 1 27 ? 4.292   -2.155  -7.081  1.00 20.36 ? 187 ARG A N   1 
ATOM   201 C  CA  . ARG A 1 27 ? 2.913   -2.480  -6.640  1.00 19.43 ? 187 ARG A CA  1 
ATOM   202 C  C   . ARG A 1 27 ? 2.523   -3.907  -7.044  1.00 21.57 ? 187 ARG A C   1 
ATOM   203 O  O   . ARG A 1 27 ? 1.862   -4.620  -6.274  1.00 21.58 ? 187 ARG A O   1 
ATOM   204 C  CB  . ARG A 1 27 ? 1.912   -1.489  -7.230  1.00 20.29 ? 187 ARG A CB  1 
ATOM   205 C  CG  . ARG A 1 27 ? 2.019   -0.091  -6.654  1.00 19.76 ? 187 ARG A CG  1 
ATOM   206 C  CD  . ARG A 1 27 ? 0.764   0.748   -6.940  1.00 20.87 ? 187 ARG A CD  1 
ATOM   207 N  NE  . ARG A 1 27 ? 0.550   0.963   -8.365  1.00 21.04 ? 187 ARG A NE  1 
ATOM   208 C  CZ  . ARG A 1 27 ? 1.175   1.898   -9.086  1.00 20.98 ? 187 ARG A CZ  1 
ATOM   209 N  NH1 . ARG A 1 27 ? 2.008   2.734   -8.490  1.00 21.30 ? 187 ARG A NH1 1 
ATOM   210 N  NH2 . ARG A 1 27 ? 0.944   1.991   -10.395 1.00 24.72 ? 187 ARG A NH2 1 
ATOM   211 N  N   . ALA A 1 28 ? 2.914   -4.325  -8.250  1.00 22.05 ? 188 ALA A N   1 
ATOM   212 C  CA  . ALA A 1 28 ? 2.593   -5.660  -8.743  1.00 22.73 ? 188 ALA A CA  1 
ATOM   213 C  C   . ALA A 1 28 ? 3.296   -6.712  -7.861  1.00 22.63 ? 188 ALA A C   1 
ATOM   214 O  O   . ALA A 1 28 ? 2.703   -7.734  -7.491  1.00 22.88 ? 188 ALA A O   1 
ATOM   215 C  CB  . ALA A 1 28 ? 3.050   -5.795  -10.180 1.00 23.47 ? 188 ALA A CB  1 
ATOM   216 N  N   . ALA A 1 29 ? 4.554   -6.456  -7.509  1.00 22.76 ? 189 ALA A N   1 
ATOM   217 C  CA  . ALA A 1 29 ? 5.286   -7.408  -6.666  1.00 23.23 ? 189 ALA A CA  1 
ATOM   218 C  C   . ALA A 1 29 ? 4.683   -7.500  -5.262  1.00 23.11 ? 189 ALA A C   1 
ATOM   219 O  O   . ALA A 1 29 ? 4.527   -8.588  -4.698  1.00 24.01 ? 189 ALA A O   1 
ATOM   220 C  CB  . ALA A 1 29 ? 6.785   -7.030  -6.606  1.00 23.51 ? 189 ALA A CB  1 
ATOM   221 N  N   . LEU A 1 30 ? 4.317   -6.346  -4.696  1.00 22.20 ? 190 LEU A N   1 
ATOM   222 C  CA  . LEU A 1 30 ? 3.732   -6.320  -3.359  1.00 21.31 ? 190 LEU A CA  1 
ATOM   223 C  C   . LEU A 1 30 ? 2.363   -6.997  -3.348  1.00 21.39 ? 190 LEU A C   1 
ATOM   224 O  O   . LEU A 1 30 ? 2.042   -7.712  -2.409  1.00 21.59 ? 190 LEU A O   1 
ATOM   225 C  CB  . LEU A 1 30 ? 3.608   -4.875  -2.840  1.00 21.32 ? 190 LEU A CB  1 
ATOM   226 C  CG  . LEU A 1 30 ? 3.202   -4.697  -1.374  1.00 21.27 ? 190 LEU A CG  1 
ATOM   227 C  CD1 . LEU A 1 30 ? 4.249   -5.226  -0.397  1.00 23.55 ? 190 LEU A CD1 1 
ATOM   228 C  CD2 . LEU A 1 30 ? 3.009   -3.219  -1.120  1.00 22.13 ? 190 LEU A CD2 1 
ATOM   229 N  N   . ALA A 1 31 ? 1.568   -6.730  -4.390  1.00 21.22 ? 191 ALA A N   1 
ATOM   230 C  CA  . ALA A 1 31 ? 0.259   -7.381  -4.563  1.00 20.83 ? 191 ALA A CA  1 
ATOM   231 C  C   . ALA A 1 31 ? 0.385   -8.901  -4.514  1.00 21.41 ? 191 ALA A C   1 
ATOM   232 O  O   . ALA A 1 31 ? -0.330  -9.576  -3.766  1.00 21.08 ? 191 ALA A O   1 
ATOM   233 C  CB  . ALA A 1 31 ? -0.422  -6.912  -5.861  1.00 20.83 ? 191 ALA A CB  1 
ATOM   234 N  N   . LYS A 1 32 ? 1.346   -9.420  -5.262  1.00 22.00 ? 192 LYS A N   1 
ATOM   235 C  CA  . LYS A 1 32 ? 1.550   -10.863 -5.274  1.00 23.16 ? 192 LYS A CA  1 
ATOM   236 C  C   . LYS A 1 32 ? 1.959   -11.347 -3.874  1.00 23.21 ? 192 LYS A C   1 
ATOM   237 O  O   . LYS A 1 32 ? 1.421   -12.338 -3.343  1.00 23.33 ? 192 LYS A O   1 
ATOM   238 C  CB  . LYS A 1 32 ? 2.571   -11.223 -6.349  1.00 24.59 ? 192 LYS A CB  1 
ATOM   239 C  CG  . LYS A 1 32 ? 2.792   -12.725 -6.443  1.00 28.37 ? 192 LYS A CG  1 
ATOM   240 C  CD  . LYS A 1 32 ? 3.733   -13.061 -7.556  1.00 33.83 ? 192 LYS A CD  1 
ATOM   241 C  CE  . LYS A 1 32 ? 4.066   -14.547 -7.550  1.00 38.17 ? 192 LYS A CE  1 
ATOM   242 N  NZ  . LYS A 1 32 ? 4.861   -14.938 -8.751  1.00 41.57 ? 192 LYS A NZ  1 
ATOM   243 N  N   . ALA A 1 33 ? 2.878   -10.630 -3.242  1.00 22.05 ? 193 ALA A N   1 
ATOM   244 C  CA  . ALA A 1 33 ? 3.368   -11.042 -1.927  1.00 22.72 ? 193 ALA A CA  1 
ATOM   245 C  C   . ALA A 1 33 ? 2.317   -11.016 -0.816  1.00 23.45 ? 193 ALA A C   1 
ATOM   246 O  O   . ALA A 1 33 ? 2.337   -11.832 0.102   1.00 25.83 ? 193 ALA A O   1 
ATOM   247 C  CB  . ALA A 1 33 ? 4.567   -10.172 -1.539  1.00 22.29 ? 193 ALA A CB  1 
ATOM   248 N  N   . LEU A 1 34 ? 1.385   -10.072 -0.911  1.00 22.54 ? 194 LEU A N   1 
ATOM   249 C  CA  . LEU A 1 34 ? 0.382   -9.871  0.139   1.00 23.22 ? 194 LEU A CA  1 
ATOM   250 C  C   . LEU A 1 34 ? -0.993  -10.442 -0.202  1.00 22.89 ? 194 LEU A C   1 
ATOM   251 O  O   . LEU A 1 34 ? -1.945  -10.227 0.560   1.00 23.55 ? 194 LEU A O   1 
ATOM   252 C  CB  . LEU A 1 34 ? 0.232   -8.368  0.458   1.00 23.22 ? 194 LEU A CB  1 
ATOM   253 C  CG  . LEU A 1 34 ? 1.499   -7.631  0.910   1.00 22.77 ? 194 LEU A CG  1 
ATOM   254 C  CD1 . LEU A 1 34 ? 1.109   -6.209  1.386   1.00 22.01 ? 194 LEU A CD1 1 
ATOM   255 C  CD2 . LEU A 1 34 ? 2.248   -8.392  2.010   1.00 24.66 ? 194 LEU A CD2 1 
ATOM   256 N  N   . ARG A 1 35 ? -1.097  -11.119 -1.347  1.00 23.10 ? 195 ARG A N   1 
ATOM   257 C  CA  . ARG A 1 35 ? -2.372  -11.705 -1.800  1.00 22.59 ? 195 ARG A CA  1 
ATOM   258 C  C   . ARG A 1 35 ? -3.430  -10.631 -2.023  1.00 21.42 ? 195 ARG A C   1 
ATOM   259 O  O   . ARG A 1 35 ? -4.515  -10.637 -1.418  1.00 21.60 ? 195 ARG A O   1 
ATOM   260 C  CB  . ARG A 1 35 ? -2.874  -12.762 -0.821  1.00 23.15 ? 195 ARG A CB  1 
ATOM   261 C  CG  . ARG A 1 35 ? -1.922  -13.911 -0.753  1.00 24.99 ? 195 ARG A CG  1 
ATOM   262 C  CD  . ARG A 1 35 ? -2.634  -15.107 -0.289  1.00 26.04 ? 195 ARG A CD  1 
ATOM   263 N  NE  . ARG A 1 35 ? -1.705  -16.214 -0.066  1.00 29.11 ? 195 ARG A NE  1 
ATOM   264 C  CZ  . ARG A 1 35 ? -2.100  -17.447 0.208   1.00 30.78 ? 195 ARG A CZ  1 
ATOM   265 N  NH1 . ARG A 1 35 ? -3.390  -17.713 0.270   1.00 27.99 ? 195 ARG A NH1 1 
ATOM   266 N  NH2 . ARG A 1 35 ? -1.207  -18.410 0.393   1.00 32.03 ? 195 ARG A NH2 1 
ATOM   267 N  N   . MET A 1 36 ? -3.079  -9.688  -2.886  1.00 21.00 ? 196 MET A N   1 
ATOM   268 C  CA  . MET A 1 36 ? -3.964  -8.583  -3.256  1.00 20.79 ? 196 MET A CA  1 
ATOM   269 C  C   . MET A 1 36 ? -3.893  -8.430  -4.757  1.00 20.38 ? 196 MET A C   1 
ATOM   270 O  O   . MET A 1 36 ? -2.937  -8.919  -5.383  1.00 20.88 ? 196 MET A O   1 
ATOM   271 C  CB  . MET A 1 36 ? -3.496  -7.272  -2.594  1.00 21.79 ? 196 MET A CB  1 
ATOM   272 C  CG  . MET A 1 36 ? -3.709  -7.281  -1.113  1.00 22.45 ? 196 MET A CG  1 
ATOM   273 S  SD  . MET A 1 36 ? -2.944  -5.839  -0.317  1.00 24.53 ? 196 MET A SD  1 
ATOM   274 C  CE  . MET A 1 36 ? -4.041  -4.510  -0.901  1.00 26.44 ? 196 MET A CE  1 
ATOM   275 N  N   . THR A 1 37 ? -4.846  -7.703  -5.349  1.00 20.60 ? 197 THR A N   1 
ATOM   276 C  CA  . THR A 1 37 ? -4.732  -7.379  -6.774  1.00 21.22 ? 197 THR A CA  1 
ATOM   277 C  C   . THR A 1 37 ? -3.893  -6.098  -6.954  1.00 21.13 ? 197 THR A C   1 
ATOM   278 O  O   . THR A 1 37 ? -3.746  -5.312  -6.012  1.00 20.94 ? 197 THR A O   1 
ATOM   279 C  CB  . THR A 1 37 ? -6.091  -7.205  -7.463  1.00 21.68 ? 197 THR A CB  1 
ATOM   280 O  OG1 . THR A 1 37 ? -6.709  -6.002  -6.978  1.00 21.36 ? 197 THR A OG1 1 
ATOM   281 C  CG2 . THR A 1 37 ? -6.996  -8.415  -7.209  1.00 22.32 ? 197 THR A CG2 1 
ATOM   282 N  N   . ASP A 1 38 ? -3.358  -5.869  -8.153  1.00 22.74 ? 198 ASP A N   1 
ATOM   283 C  CA  . ASP A 1 38 ? -2.575  -4.643  -8.390  1.00 22.87 ? 198 ASP A CA  1 
ATOM   284 C  C   . ASP A 1 38 ? -3.402  -3.388  -8.090  1.00 21.89 ? 198 ASP A C   1 
ATOM   285 O  O   . ASP A 1 38 ? -2.925  -2.463  -7.431  1.00 21.82 ? 198 ASP A O   1 
ATOM   286 C  CB  . ASP A 1 38 ? -2.091  -4.585  -9.844  1.00 23.87 ? 198 ASP A CB  1 
ATOM   287 C  CG  . ASP A 1 38 ? -1.179  -5.756  -10.217 1.00 27.63 ? 198 ASP A CG  1 
ATOM   288 O  OD1 . ASP A 1 38 ? -0.740  -6.538  -9.350  1.00 27.06 ? 198 ASP A OD1 1 
ATOM   289 O  OD2 . ASP A 1 38 ? -0.910  -5.903  -11.439 1.00 33.39 ? 198 ASP A OD2 1 
ATOM   290 N  N   . ALA A 1 39 ? -4.657  -3.388  -8.539  1.00 20.82 ? 199 ALA A N   1 
ATOM   291 C  CA  . ALA A 1 39 ? -5.531  -2.234  -8.346  1.00 20.99 ? 199 ALA A CA  1 
ATOM   292 C  C   . ALA A 1 39 ? -5.817  -1.987  -6.864  1.00 20.45 ? 199 ALA A C   1 
ATOM   293 O  O   . ALA A 1 39 ? -5.908  -0.832  -6.426  1.00 20.60 ? 199 ALA A O   1 
ATOM   294 C  CB  . ALA A 1 39 ? -6.844  -2.424  -9.120  1.00 22.10 ? 199 ALA A CB  1 
ATOM   295 N  N   . GLN A 1 40 ? -5.979  -3.074  -6.095  1.00 19.67 ? 200 GLN A N   1 
ATOM   296 C  CA  . GLN A 1 40 ? -6.145  -2.967  -4.652  1.00 19.55 ? 200 GLN A CA  1 
ATOM   297 C  C   . GLN A 1 40 ? -4.969  -2.280  -3.954  1.00 18.86 ? 200 GLN A C   1 
ATOM   298 O  O   . GLN A 1 40 ? -5.183  -1.423  -3.097  1.00 19.78 ? 200 GLN A O   1 
ATOM   299 C  CB  . GLN A 1 40 ? -6.436  -4.341  -4.012  1.00 18.89 ? 200 GLN A CB  1 
ATOM   300 C  CG  . GLN A 1 40 ? -7.824  -4.845  -4.390  1.00 19.81 ? 200 GLN A CG  1 
ATOM   301 C  CD  . GLN A 1 40 ? -8.038  -6.314  -4.091  1.00 19.78 ? 200 GLN A CD  1 
ATOM   302 O  OE1 . GLN A 1 40 ? -7.120  -7.033  -3.700  1.00 19.41 ? 200 GLN A OE1 1 
ATOM   303 N  NE2 . GLN A 1 40 ? -9.278  -6.776  -4.289  1.00 21.62 ? 200 GLN A NE2 1 
ATOM   304 N  N   . VAL A 1 41 ? -3.745  -2.633  -4.341  1.00 18.87 ? 201 VAL A N   1 
ATOM   305 C  CA  . VAL A 1 41 ? -2.559  -1.981  -3.779  1.00 19.01 ? 201 VAL A CA  1 
ATOM   306 C  C   . VAL A 1 41 ? -2.533  -0.491  -4.206  1.00 19.01 ? 201 VAL A C   1 
ATOM   307 O  O   . VAL A 1 41 ? -2.277  0.385   -3.381  1.00 18.52 ? 201 VAL A O   1 
ATOM   308 C  CB  . VAL A 1 41 ? -1.271  -2.705  -4.210  1.00 19.26 ? 201 VAL A CB  1 
ATOM   309 C  CG1 . VAL A 1 41 ? -0.040  -1.928  -3.719  1.00 19.57 ? 201 VAL A CG1 1 
ATOM   310 C  CG2 . VAL A 1 41 ? -1.237  -4.120  -3.633  1.00 20.24 ? 201 VAL A CG2 1 
ATOM   311 N  N   . LYS A 1 42 ? -2.805  -0.224  -5.486  1.00 19.23 ? 202 LYS A N   1 
ATOM   312 C  CA  . LYS A 1 42 ? -2.802  1.161   -5.961  1.00 19.28 ? 202 LYS A CA  1 
ATOM   313 C  C   . LYS A 1 42 ? -3.779  2.033   -5.165  1.00 19.08 ? 202 LYS A C   1 
ATOM   314 O  O   . LYS A 1 42 ? -3.436  3.127   -4.703  1.00 18.88 ? 202 LYS A O   1 
ATOM   315 C  CB  . LYS A 1 42 ? -3.126  1.215   -7.468  1.00 19.02 ? 202 LYS A CB  1 
ATOM   316 C  CG  . LYS A 1 42 ? -2.911  2.602   -8.121  1.00 22.47 ? 202 LYS A CG  1 
ATOM   317 C  CD  . LYS A 1 42 ? -3.124  2.523   -9.609  1.00 25.33 ? 202 LYS A CD  1 
ATOM   318 C  CE  . LYS A 1 42 ? -2.605  3.783   -10.322 1.00 30.47 ? 202 LYS A CE  1 
ATOM   319 N  NZ  . LYS A 1 42 ? -2.707  3.715   -11.825 1.00 34.98 ? 202 LYS A NZ  1 
ATOM   320 N  N   . THR A 1 43 ? -5.015  1.537   -5.010  1.00 18.90 ? 203 THR A N   1 
ATOM   321 C  CA  . THR A 1 43 ? -6.068  2.271   -4.302  1.00 19.66 ? 203 THR A CA  1 
ATOM   322 C  C   . THR A 1 43 ? -5.687  2.461   -2.833  1.00 19.01 ? 203 THR A C   1 
ATOM   323 O  O   . THR A 1 43 ? -5.816  3.555   -2.275  1.00 19.47 ? 203 THR A O   1 
ATOM   324 C  CB  . THR A 1 43 ? -7.400  1.505   -4.428  1.00 19.95 ? 203 THR A CB  1 
ATOM   325 O  OG1 . THR A 1 43 ? -7.800  1.508   -5.815  1.00 23.16 ? 203 THR A OG1 1 
ATOM   326 C  CG2 . THR A 1 43 ? -8.475  2.132   -3.559  1.00 21.03 ? 203 THR A CG2 1 
ATOM   327 N  N   . TRP A 1 44 ? -5.150  1.401   -2.225  1.00 18.73 ? 204 TRP A N   1 
ATOM   328 C  CA  . TRP A 1 44 ? -4.757  1.481   -0.816  1.00 18.30 ? 204 TRP A CA  1 
ATOM   329 C  C   . TRP A 1 44 ? -3.736  2.603   -0.584  1.00 18.80 ? 204 TRP A C   1 
ATOM   330 O  O   . TRP A 1 44 ? -3.867  3.401   0.358   1.00 19.34 ? 204 TRP A O   1 
ATOM   331 C  CB  . TRP A 1 44 ? -4.263  0.129   -0.246  1.00 18.51 ? 204 TRP A CB  1 
ATOM   332 C  CG  . TRP A 1 44 ? -4.070  0.174   1.263   1.00 18.13 ? 204 TRP A CG  1 
ATOM   333 C  CD1 . TRP A 1 44 ? -4.989  -0.177  2.218   1.00 18.83 ? 204 TRP A CD1 1 
ATOM   334 C  CD2 . TRP A 1 44 ? -2.920  0.664   1.975   1.00 19.49 ? 204 TRP A CD2 1 
ATOM   335 N  NE1 . TRP A 1 44 ? -4.473  0.048   3.487   1.00 20.40 ? 204 TRP A NE1 1 
ATOM   336 C  CE2 . TRP A 1 44 ? -3.203  0.557   3.361   1.00 20.25 ? 204 TRP A CE2 1 
ATOM   337 C  CE3 . TRP A 1 44 ? -1.658  1.159   1.567   1.00 18.49 ? 204 TRP A CE3 1 
ATOM   338 C  CZ2 . TRP A 1 44 ? -2.287  0.944   4.345   1.00 19.79 ? 204 TRP A CZ2 1 
ATOM   339 C  CZ3 . TRP A 1 44 ? -0.741  1.535   2.552   1.00 19.18 ? 204 TRP A CZ3 1 
ATOM   340 C  CH2 . TRP A 1 44 ? -1.065  1.429   3.926   1.00 20.43 ? 204 TRP A CH2 1 
ATOM   341 N  N   . PHE A 1 45 ? -2.720  2.658   -1.448  1.00 18.56 ? 205 PHE A N   1 
ATOM   342 C  CA  . PHE A 1 45 ? -1.707  3.676   -1.291  1.00 18.26 ? 205 PHE A CA  1 
ATOM   343 C  C   . PHE A 1 45 ? -2.231  5.082   -1.547  1.00 17.46 ? 205 PHE A C   1 
ATOM   344 O  O   . PHE A 1 45 ? -1.787  6.025   -0.876  1.00 18.62 ? 205 PHE A O   1 
ATOM   345 C  CB  . PHE A 1 45 ? -0.512  3.357   -2.200  1.00 18.69 ? 205 PHE A CB  1 
ATOM   346 C  CG  . PHE A 1 45 ? 0.540   2.541   -1.520  1.00 17.94 ? 205 PHE A CG  1 
ATOM   347 C  CD1 . PHE A 1 45 ? 0.379   1.164   -1.407  1.00 19.27 ? 205 PHE A CD1 1 
ATOM   348 C  CD2 . PHE A 1 45 ? 1.649   3.154   -0.885  1.00 17.57 ? 205 PHE A CD2 1 
ATOM   349 C  CE1 . PHE A 1 45 ? 1.301   0.390   -0.714  1.00 19.99 ? 205 PHE A CE1 1 
ATOM   350 C  CE2 . PHE A 1 45 ? 2.605   2.361   -0.206  1.00 19.07 ? 205 PHE A CE2 1 
ATOM   351 C  CZ  . PHE A 1 45 ? 2.422   0.993   -0.103  1.00 19.54 ? 205 PHE A CZ  1 
ATOM   352 N  N   . GLN A 1 46 ? -3.135  5.227   -2.511  1.00 18.60 ? 206 GLN A N   1 
ATOM   353 C  CA  . GLN A 1 46 ? -3.814  6.545   -2.724  1.00 19.48 ? 206 GLN A CA  1 
ATOM   354 C  C   . GLN A 1 46 ? -4.527  6.973   -1.450  1.00 21.27 ? 206 GLN A C   1 
ATOM   355 O  O   . GLN A 1 46 ? -4.357  8.108   -0.989  1.00 22.22 ? 206 GLN A O   1 
ATOM   356 C  CB  . GLN A 1 46 ? -4.829  6.475   -3.857  1.00 20.79 ? 206 GLN A CB  1 
ATOM   357 C  CG  . GLN A 1 46 ? -4.226  6.398   -5.261  1.00 23.86 ? 206 GLN A CG  1 
ATOM   358 C  CD  . GLN A 1 46 ? -5.244  6.003   -6.360  1.00 29.39 ? 206 GLN A CD  1 
ATOM   359 O  OE1 . GLN A 1 46 ? -6.341  5.522   -6.077  1.00 31.49 ? 206 GLN A OE1 1 
ATOM   360 N  NE2 . GLN A 1 46 ? -4.856  6.180   -7.621  1.00 32.71 ? 206 GLN A NE2 1 
ATOM   361 N  N   . ASN A 1 47 ? -5.310  6.063   -0.875  1.00 21.51 ? 207 ASN A N   1 
ATOM   362 C  CA  . ASN A 1 47 ? -6.069  6.396   0.333   1.00 21.81 ? 207 ASN A CA  1 
ATOM   363 C  C   . ASN A 1 47 ? -5.168  6.634   1.544   1.00 21.64 ? 207 ASN A C   1 
ATOM   364 O  O   . ASN A 1 47 ? -5.458  7.484   2.411   1.00 22.89 ? 207 ASN A O   1 
ATOM   365 C  CB  . ASN A 1 47 ? -7.064  5.280   0.617   1.00 21.99 ? 207 ASN A CB  1 
ATOM   366 C  CG  . ASN A 1 47 ? -8.150  5.206   -0.417  1.00 25.06 ? 207 ASN A CG  1 
ATOM   367 O  OD1 . ASN A 1 47 ? -8.476  6.207   -1.081  1.00 28.40 ? 207 ASN A OD1 1 
ATOM   368 N  ND2 . ASN A 1 47 ? -8.735  4.011   -0.571  1.00 25.14 ? 207 ASN A ND2 1 
ATOM   369 N  N   . ARG A 1 48 ? -4.069  5.894   1.603   1.00 19.98 ? 208 ARG A N   1 
ATOM   370 C  CA  . ARG A 1 48 ? -3.111  6.079   2.693   1.00 19.42 ? 208 ARG A CA  1 
ATOM   371 C  C   . ARG A 1 48 ? -2.412  7.432   2.579   1.00 20.63 ? 208 ARG A C   1 
ATOM   372 O  O   . ARG A 1 48 ? -2.086  8.052   3.596   1.00 20.83 ? 208 ARG A O   1 
ATOM   373 C  CB  . ARG A 1 48 ? -2.092  4.930   2.755   1.00 19.82 ? 208 ARG A CB  1 
ATOM   374 C  CG  . ARG A 1 48 ? -1.144  4.977   3.963   1.00 20.27 ? 208 ARG A CG  1 
ATOM   375 C  CD  . ARG A 1 48 ? -1.917  4.884   5.293   1.00 19.38 ? 208 ARG A CD  1 
ATOM   376 N  NE  . ARG A 1 48 ? -1.054  5.003   6.462   1.00 22.69 ? 208 ARG A NE  1 
ATOM   377 C  CZ  . ARG A 1 48 ? -0.637  6.159   6.983   1.00 23.42 ? 208 ARG A CZ  1 
ATOM   378 N  NH1 . ARG A 1 48 ? -1.006  7.317   6.428   1.00 24.79 ? 208 ARG A NH1 1 
ATOM   379 N  NH2 . ARG A 1 48 ? 0.127   6.177   8.064   1.00 28.03 ? 208 ARG A NH2 1 
ATOM   380 N  N   . ARG A 1 49 ? -2.122  7.861   1.349   1.00 20.20 ? 209 ARG A N   1 
ATOM   381 C  CA  . ARG A 1 49 ? -1.524  9.202   1.164   1.00 20.31 ? 209 ARG A CA  1 
ATOM   382 C  C   . ARG A 1 49 ? -2.492  10.291  1.569   1.00 20.36 ? 209 ARG A C   1 
ATOM   383 O  O   . ARG A 1 49 ? -2.085  11.268  2.204   1.00 20.27 ? 209 ARG A O   1 
ATOM   384 C  CB  . ARG A 1 49 ? -1.027  9.393   -0.274  1.00 19.82 ? 209 ARG A CB  1 
ATOM   385 C  CG  . ARG A 1 49 ? 0.293   8.668   -0.523  1.00 19.67 ? 209 ARG A CG  1 
ATOM   386 C  CD  . ARG A 1 49 ? 0.908   9.031   -1.886  1.00 19.85 ? 209 ARG A CD  1 
ATOM   387 N  NE  . ARG A 1 49 ? 0.043   8.681   -3.009  1.00 19.09 ? 209 ARG A NE  1 
ATOM   388 C  CZ  . ARG A 1 49 ? 0.084   7.514   -3.642  1.00 18.09 ? 209 ARG A CZ  1 
ATOM   389 N  NH1 . ARG A 1 49 ? 0.946   6.568   -3.272  1.00 17.69 ? 209 ARG A NH1 1 
ATOM   390 N  NH2 . ARG A 1 49 ? -0.734  7.315   -4.661  1.00 18.93 ? 209 ARG A NH2 1 
ATOM   391 N  N   . THR A 1 50 ? -3.772  10.105  1.273   1.00 20.69 ? 210 THR A N   1 
ATOM   392 C  CA  . THR A 1 50 ? -4.774  11.064  1.742   1.00 21.84 ? 210 THR A CA  1 
ATOM   393 C  C   . THR A 1 50 ? -4.755  11.165  3.281   1.00 22.28 ? 210 THR A C   1 
ATOM   394 O  O   . THR A 1 50 ? -4.764  12.274  3.830   1.00 22.01 ? 210 THR A O   1 
ATOM   395 C  CB  . THR A 1 50 ? -6.149  10.680  1.224   1.00 22.39 ? 210 THR A CB  1 
ATOM   396 O  OG1 . THR A 1 50 ? -6.124  10.706  -0.200  1.00 23.60 ? 210 THR A OG1 1 
ATOM   397 C  CG2 . THR A 1 50 ? -7.221  11.669  1.742   1.00 23.11 ? 210 THR A CG2 1 
ATOM   398 N  N   . LYS A 1 51 ? -4.691  10.031  3.980   1.00 21.56 ? 211 LYS A N   1 
ATOM   399 C  CA  . LYS A 1 51 ? -4.603  10.036  5.445   1.00 23.18 ? 211 LYS A CA  1 
ATOM   400 C  C   . LYS A 1 51 ? -3.350  10.774  5.933   1.00 22.79 ? 211 LYS A C   1 
ATOM   401 O  O   . LYS A 1 51 ? -3.407  11.608  6.848   1.00 23.24 ? 211 LYS A O   1 
ATOM   402 C  CB  . LYS A 1 51 ? -4.663  8.594   5.985   1.00 23.93 ? 211 LYS A CB  1 
ATOM   403 C  CG  . LYS A 1 51 ? -4.510  8.511   7.490   1.00 26.30 ? 211 LYS A CG  1 
ATOM   404 C  CD  . LYS A 1 51 ? -4.698  7.084   8.000   1.00 27.48 ? 211 LYS A CD  1 
ATOM   405 C  CE  . LYS A 1 51 ? -4.719  7.116   9.516   1.00 30.50 ? 211 LYS A CE  1 
ATOM   406 N  NZ  . LYS A 1 51 ? -4.449  5.564   9.935   0.00 37.87 ? 211 LYS A NZ  1 
ATOM   407 N  N   . TRP A 1 52 ? -2.213  10.484  5.296   1.00 21.68 ? 212 TRP A N   1 
ATOM   408 C  CA  . TRP A 1 52 ? -0.931  11.108  5.602   1.00 20.32 ? 212 TRP A CA  1 
ATOM   409 C  C   . TRP A 1 52 ? -1.025  12.638  5.469   1.00 19.75 ? 212 TRP A C   1 
ATOM   410 O  O   . TRP A 1 52 ? -0.537  13.377  6.343   1.00 21.19 ? 212 TRP A O   1 
ATOM   411 C  CB  . TRP A 1 52 ? 0.142   10.507  4.671   1.00 21.79 ? 212 TRP A CB  1 
ATOM   412 C  CG  . TRP A 1 52 ? 1.464   11.202  4.576   1.00 22.41 ? 212 TRP A CG  1 
ATOM   413 C  CD1 . TRP A 1 52 ? 2.363   11.451  5.573   1.00 22.17 ? 212 TRP A CD1 1 
ATOM   414 C  CD2 . TRP A 1 52 ? 2.082   11.646  3.365   1.00 20.55 ? 212 TRP A CD2 1 
ATOM   415 N  NE1 . TRP A 1 52 ? 3.488   12.066  5.060   1.00 24.27 ? 212 TRP A NE1 1 
ATOM   416 C  CE2 . TRP A 1 52 ? 3.347   12.181  3.703   1.00 20.73 ? 212 TRP A CE2 1 
ATOM   417 C  CE3 . TRP A 1 52 ? 1.675   11.666  2.027   1.00 21.36 ? 212 TRP A CE3 1 
ATOM   418 C  CZ2 . TRP A 1 52 ? 4.204   12.735  2.739   1.00 22.05 ? 212 TRP A CZ2 1 
ATOM   419 C  CZ3 . TRP A 1 52 ? 2.548   12.200  1.056   1.00 22.19 ? 212 TRP A CZ3 1 
ATOM   420 C  CH2 . TRP A 1 52 ? 3.786   12.730  1.424   1.00 23.17 ? 212 TRP A CH2 1 
ATOM   421 N  N   . ARG A 1 53 ? -1.663  13.084  4.390   1.00 19.44 ? 213 ARG A N   1 
ATOM   422 C  CA  . ARG A 1 53 ? -1.815  14.527  4.177   1.00 19.88 ? 213 ARG A CA  1 
ATOM   423 C  C   . ARG A 1 53 ? -2.702  15.120  5.253   1.00 21.71 ? 213 ARG A C   1 
ATOM   424 O  O   . ARG A 1 53 ? -2.389  16.192  5.781   1.00 20.91 ? 213 ARG A O   1 
ATOM   425 C  CB  . ARG A 1 53 ? -2.360  14.805  2.781   1.00 19.57 ? 213 ARG A CB  1 
ATOM   426 C  CG  . ARG A 1 53 ? -1.368  14.455  1.690   1.00 19.71 ? 213 ARG A CG  1 
ATOM   427 C  CD  . ARG A 1 53 ? -1.953  14.629  0.312   1.00 21.97 ? 213 ARG A CD  1 
ATOM   428 N  NE  . ARG A 1 53 ? -0.952  14.216  -0.666  1.00 23.03 ? 213 ARG A NE  1 
ATOM   429 C  CZ  . ARG A 1 53 ? -1.122  13.240  -1.562  1.00 21.60 ? 213 ARG A CZ  1 
ATOM   430 N  NH1 . ARG A 1 53 ? -2.290  12.628  -1.690  1.00 22.37 ? 213 ARG A NH1 1 
ATOM   431 N  NH2 . ARG A 1 53 ? -0.103  12.911  -2.353  1.00 23.55 ? 213 ARG A NH2 1 
ATOM   432 N  N   . ARG A 1 54 ? -3.784  14.439  5.584   1.00 22.50 ? 214 ARG A N   1 
ATOM   433 C  CA  . ARG A 1 54 ? -4.695  14.930  6.637   1.00 24.97 ? 214 ARG A CA  1 
ATOM   434 C  C   . ARG A 1 54 ? -4.028  15.047  8.009   1.00 25.55 ? 214 ARG A C   1 
ATOM   435 O  O   . ARG A 1 54 ? -4.307  15.982  8.792   1.00 26.41 ? 214 ARG A O   1 
ATOM   436 C  CB  . ARG A 1 54 ? -5.895  13.978  6.742   1.00 25.54 ? 214 ARG A CB  1 
ATOM   437 C  CG  . ARG A 1 54 ? -6.956  14.396  7.775   1.00 28.86 ? 214 ARG A CG  1 
ATOM   438 C  CD  . ARG A 1 54 ? -7.534  15.770  7.416   1.00 33.64 ? 214 ARG A CD  1 
ATOM   439 N  NE  . ARG A 1 54 ? -8.681  16.156  8.250   1.00 38.13 ? 214 ARG A NE  1 
ATOM   440 C  CZ  . ARG A 1 54 ? -8.584  16.724  9.449   1.00 42.11 ? 214 ARG A CZ  1 
ATOM   441 N  NH1 . ARG A 1 54 ? -9.683  17.043  10.121  1.00 43.77 ? 214 ARG A NH1 1 
ATOM   442 N  NH2 . ARG A 1 54 ? -7.391  16.972  9.985   1.00 44.40 ? 214 ARG A NH2 1 
ATOM   443 N  N   . GLN A 1 55 ? -3.158  14.092  8.320   1.00 25.31 ? 215 GLN A N   1 
ATOM   444 C  CA  . GLN A 1 55 ? -2.580  13.971  9.661   1.00 26.47 ? 215 GLN A CA  1 
ATOM   445 C  C   . GLN A 1 55 ? -1.257  14.696  9.902   1.00 26.37 ? 215 GLN A C   1 
ATOM   446 O  O   . GLN A 1 55 ? -0.782  14.774  11.045  1.00 26.96 ? 215 GLN A O   1 
ATOM   447 C  CB  . GLN A 1 55 ? -2.430  12.486  10.001  1.00 28.17 ? 215 GLN A CB  1 
ATOM   448 C  CG  . GLN A 1 55 ? -3.743  11.766  10.119  1.00 30.90 ? 215 GLN A CG  1 
ATOM   449 C  CD  . GLN A 1 55 ? -3.590  10.368  10.691  1.00 36.05 ? 215 GLN A CD  1 
ATOM   450 O  OE1 . GLN A 1 55 ? -2.586  9.677   10.457  1.00 37.20 ? 215 GLN A OE1 1 
ATOM   451 N  NE2 . GLN A 1 55 ? -4.594  9.939   11.448  1.00 39.34 ? 215 GLN A NE2 1 
ATOM   452 N  N   . THR A 1 56 ? -0.629  15.201  8.839   1.00 25.95 ? 216 THR A N   1 
ATOM   453 C  CA  . THR A 1 56 ? 0.661   15.875  9.009   1.00 25.09 ? 216 THR A CA  1 
ATOM   454 C  C   . THR A 1 56 ? 0.700   17.262  8.388   1.00 24.65 ? 216 THR A C   1 
ATOM   455 O  O   . THR A 1 56 ? -0.108  17.601  7.513   1.00 23.54 ? 216 THR A O   1 
ATOM   456 C  CB  . THR A 1 56 ? 1.868   15.056  8.417   1.00 25.71 ? 216 THR A CB  1 
ATOM   457 O  OG1 . THR A 1 56 ? 1.765   14.990  6.991   1.00 25.47 ? 216 THR A OG1 1 
ATOM   458 C  CG2 . THR A 1 56 ? 1.969   13.631  9.014   1.00 27.02 ? 216 THR A CG2 1 
ATOM   459 O  OXT . THR A 1 56 ? 1.611   18.010  8.722   1.00 24.82 ? 216 THR A OXT 1 
HETATM 460 NA NA  . NA  B 2 .  ? 1.707   3.964   -5.150  1.00 16.67 ? 1   NA  A NA  1 
HETATM 461 S  S   . SO4 C 3 .  ? -2.008  10.898  -5.193  1.00 26.68 ? 217 SO4 A S   1 
HETATM 462 O  O1  . SO4 C 3 .  ? -3.334  11.432  -5.475  1.00 30.28 ? 217 SO4 A O1  1 
HETATM 463 O  O2  . SO4 C 3 .  ? -1.709  9.668   -5.933  1.00 30.24 ? 217 SO4 A O2  1 
HETATM 464 O  O3  . SO4 C 3 .  ? -0.966  11.875  -5.521  1.00 34.08 ? 217 SO4 A O3  1 
HETATM 465 O  O4  . SO4 C 3 .  ? -1.890  10.619  -3.769  1.00 27.53 ? 217 SO4 A O4  1 
HETATM 466 S  S   . SO4 D 3 .  ? 10.592  -4.305  -4.585  1.00 41.61 ? 2   SO4 A S   1 
HETATM 467 O  O1  . SO4 D 3 .  ? 9.442   -4.845  -5.332  1.00 41.78 ? 2   SO4 A O1  1 
HETATM 468 O  O2  . SO4 D 3 .  ? 11.073  -5.291  -3.612  1.00 44.41 ? 2   SO4 A O2  1 
HETATM 469 O  O3  . SO4 D 3 .  ? 11.637  -4.028  -5.585  1.00 43.30 ? 2   SO4 A O3  1 
HETATM 470 O  O4  . SO4 D 3 .  ? 10.279  -3.055  -3.908  1.00 43.89 ? 2   SO4 A O4  1 
HETATM 471 O  O   . HOH E 4 .  ? -4.058  -12.650 7.029   1.00 32.40 ? 3   HOH A O   1 
HETATM 472 O  O   . HOH E 4 .  ? 0.053   -10.481 4.828   1.00 38.72 ? 4   HOH A O   1 
HETATM 473 O  O   . HOH E 4 .  ? 7.455   0.096   -12.891 1.00 30.02 ? 5   HOH A O   1 
HETATM 474 O  O   . HOH E 4 .  ? -1.226  4.576   -5.787  1.00 19.91 ? 6   HOH A O   1 
HETATM 475 O  O   . HOH E 4 .  ? -2.614  19.313  6.613   1.00 22.13 ? 7   HOH A O   1 
HETATM 476 O  O   . HOH E 4 .  ? 8.522   6.948   -3.046  1.00 27.28 ? 8   HOH A O   1 
HETATM 477 O  O   . HOH E 4 .  ? 0.686   -8.645  -9.251  1.00 26.65 ? 9   HOH A O   1 
HETATM 478 O  O   . HOH E 4 .  ? -6.197  0.267   5.919   1.00 34.69 ? 10  HOH A O   1 
HETATM 479 O  O   . HOH E 4 .  ? -5.014  13.405  -0.991  1.00 26.68 ? 11  HOH A O   1 
HETATM 480 O  O   . HOH E 4 .  ? -5.794  -5.255  -10.637 1.00 28.46 ? 12  HOH A O   1 
HETATM 481 O  O   . HOH E 4 .  ? 8.388   8.300   -0.534  1.00 36.92 ? 13  HOH A O   1 
HETATM 482 O  O   . HOH E 4 .  ? -7.467  -9.350  -2.464  1.00 21.49 ? 14  HOH A O   1 
HETATM 483 O  O   . HOH E 4 .  ? -7.728  -0.935  -1.825  1.00 26.37 ? 15  HOH A O   1 
HETATM 484 O  O   . HOH E 4 .  ? 6.670   -6.688  -10.575 1.00 31.08 ? 16  HOH A O   1 
HETATM 485 O  O   . HOH E 4 .  ? -3.703  -4.226  11.071  1.00 32.09 ? 17  HOH A O   1 
HETATM 486 O  O   . HOH E 4 .  ? 5.396   11.732  7.535   1.00 39.48 ? 18  HOH A O   1 
HETATM 487 O  O   . HOH E 4 .  ? 5.684   -4.729  3.739   1.00 34.82 ? 19  HOH A O   1 
HETATM 488 O  O   . HOH E 4 .  ? 8.944   -0.051  7.584   1.00 29.84 ? 20  HOH A O   1 
HETATM 489 O  O   . HOH E 4 .  ? -7.875  7.944   3.496   1.00 32.22 ? 21  HOH A O   1 
HETATM 490 O  O   . HOH E 4 .  ? -7.987  -5.372  9.004   1.00 40.67 ? 22  HOH A O   1 
HETATM 491 O  O   . HOH E 4 .  ? 1.772   -9.045  9.342   1.00 29.27 ? 23  HOH A O   1 
HETATM 492 O  O   . HOH E 4 .  ? -9.262  -1.110  -5.952  1.00 35.56 ? 24  HOH A O   1 
HETATM 493 O  O   . HOH E 4 .  ? 12.096  -1.666  -6.718  1.00 28.27 ? 25  HOH A O   1 
HETATM 494 O  O   . HOH E 4 .  ? -1.360  1.150   -12.468 1.00 43.46 ? 26  HOH A O   1 
HETATM 495 O  O   . HOH E 4 .  ? -0.947  -1.214  -9.514  1.00 29.62 ? 27  HOH A O   1 
HETATM 496 O  O   . HOH E 4 .  ? -4.703  10.243  -2.862  1.00 27.92 ? 28  HOH A O   1 
HETATM 497 O  O   . HOH E 4 .  ? -5.523  3.131   2.763   1.00 28.39 ? 29  HOH A O   1 
HETATM 498 O  O   . HOH E 4 .  ? 0.970   -2.663  -10.877 1.00 28.85 ? 30  HOH A O   1 
HETATM 499 O  O   . HOH E 4 .  ? -8.335  -6.004  -9.249  1.00 29.78 ? 31  HOH A O   1 
HETATM 500 O  O   . HOH E 4 .  ? -2.297  4.337   9.638   1.00 39.85 ? 32  HOH A O   1 
HETATM 501 O  O   . HOH E 4 .  ? 7.271   -4.513  -3.912  1.00 26.23 ? 33  HOH A O   1 
HETATM 502 O  O   . HOH E 4 .  ? -8.193  9.105   -1.092  1.00 32.39 ? 34  HOH A O   1 
HETATM 503 O  O   . HOH E 4 .  ? -0.756  -13.574 -4.637  1.00 35.54 ? 35  HOH A O   1 
HETATM 504 O  O   . HOH E 4 .  ? -11.324 3.865   -2.213  1.00 40.28 ? 36  HOH A O   1 
HETATM 505 O  O   . HOH E 4 .  ? 2.613   3.482   7.642   1.00 30.90 ? 37  HOH A O   1 
HETATM 506 O  O   . HOH E 4 .  ? -8.572  3.832   -6.910  1.00 40.91 ? 38  HOH A O   1 
HETATM 507 O  O   . HOH E 4 .  ? -3.315  0.784   10.136  1.00 37.00 ? 39  HOH A O   1 
HETATM 508 O  O   . HOH E 4 .  ? 8.472   -3.199  4.202   1.00 42.63 ? 40  HOH A O   1 
HETATM 509 O  O   . HOH E 4 .  ? -10.931 -3.567  2.424   1.00 49.69 ? 41  HOH A O   1 
HETATM 510 O  O   . HOH E 4 .  ? 14.069  -4.448  -5.630  1.00 44.03 ? 42  HOH A O   1 
HETATM 511 O  O   . HOH E 4 .  ? -6.400  3.782   -8.719  1.00 47.84 ? 43  HOH A O   1 
HETATM 512 O  O   . HOH E 4 .  ? -0.296  9.333   8.489   1.00 31.05 ? 44  HOH A O   1 
HETATM 513 O  O   . HOH E 4 .  ? -4.430  -11.221 9.670   1.00 28.26 ? 45  HOH A O   1 
HETATM 514 O  O   . HOH E 4 .  ? -3.231  -0.887  -11.254 1.00 29.66 ? 46  HOH A O   1 
HETATM 515 O  O   . HOH E 4 .  ? -3.892  -7.808  -10.120 1.00 28.69 ? 47  HOH A O   1 
HETATM 516 O  O   . HOH E 4 .  ? -5.299  4.644   5.037   1.00 31.69 ? 48  HOH A O   1 
HETATM 517 O  O   . HOH E 4 .  ? -11.175 -4.596  -5.098  1.00 34.47 ? 49  HOH A O   1 
HETATM 518 O  O   . HOH E 4 .  ? -1.800  5.980   -8.043  1.00 32.90 ? 50  HOH A O   1 
HETATM 519 O  O   . HOH E 4 .  ? -5.657  0.375   -10.955 1.00 30.26 ? 51  HOH A O   1 
HETATM 520 O  O   . HOH E 4 .  ? 5.367   -9.078  -9.679  1.00 33.86 ? 52  HOH A O   1 
HETATM 521 O  O   . HOH E 4 .  ? -4.497  -3.487  -12.390 1.00 43.64 ? 53  HOH A O   1 
HETATM 522 O  O   . HOH E 4 .  ? -7.206  -1.335  -12.628 1.00 42.18 ? 54  HOH A O   1 
HETATM 523 O  O   . HOH E 4 .  ? -9.806  -1.730  -3.348  1.00 38.06 ? 55  HOH A O   1 
HETATM 524 O  O   . HOH E 4 .  ? 11.388  -3.266  -8.881  1.00 39.42 ? 56  HOH A O   1 
HETATM 525 O  O   . HOH E 4 .  ? 6.979   -6.966  -2.438  1.00 32.26 ? 57  HOH A O   1 
HETATM 526 O  O   . HOH E 4 .  ? -8.188  1.022   0.208   1.00 29.09 ? 58  HOH A O   1 
HETATM 527 O  O   . HOH E 4 .  ? 7.194   -4.438  1.145   1.00 31.30 ? 59  HOH A O   1 
HETATM 528 O  O   . HOH E 4 .  ? -6.157  14.622  3.190   1.00 30.92 ? 60  HOH A O   1 
HETATM 529 O  O   . HOH E 4 .  ? -11.727 -4.107  0.036   1.00 43.23 ? 61  HOH A O   1 
HETATM 530 O  O   . HOH E 4 .  ? 9.592   -4.678  -8.144  1.00 38.80 ? 62  HOH A O   1 
HETATM 531 O  O   . HOH E 4 .  ? 8.099   -9.207  -3.449  1.00 38.84 ? 63  HOH A O   1 
HETATM 532 O  O   . HOH E 4 .  ? -11.927 -4.298  -9.434  1.00 32.92 ? 64  HOH A O   1 
HETATM 533 O  O   . HOH E 4 .  ? 5.546   -12.985 -4.040  1.00 37.85 ? 65  HOH A O   1 
HETATM 534 O  O   . HOH E 4 .  ? -5.398  2.433   -12.559 1.00 43.06 ? 66  HOH A O   1 
HETATM 535 O  O   . HOH E 4 .  ? 11.167  -3.775  -1.340  1.00 57.77 ? 67  HOH A O   1 
HETATM 536 O  O   . HOH E 4 .  ? 10.142  -8.196  -4.941  1.00 49.25 ? 68  HOH A O   1 
HETATM 537 O  O   . HOH E 4 .  ? -1.461  -12.024 3.338   1.00 43.59 ? 69  HOH A O   1 
HETATM 538 O  O   . HOH E 4 .  ? -9.470  14.528  3.128   1.00 48.18 ? 70  HOH A O   1 
HETATM 539 O  O   . HOH E 4 .  ? -10.083 -3.622  -7.127  1.00 43.85 ? 71  HOH A O   1 
HETATM 540 O  O   . HOH E 4 .  ? -4.050  13.899  -5.152  1.00 44.69 ? 72  HOH A O   1 
HETATM 541 O  O   . HOH E 4 .  ? 11.800  -0.448  -3.206  1.00 43.47 ? 73  HOH A O   1 
HETATM 542 O  O   . HOH E 4 .  ? 2.048   -18.056 0.057   1.00 57.22 ? 74  HOH A O   1 
HETATM 543 O  O   . HOH E 4 .  ? 10.958  7.349   0.411   1.00 51.03 ? 75  HOH A O   1 
HETATM 544 O  O   . HOH E 4 .  ? 8.794   8.246   3.433   1.00 40.11 ? 76  HOH A O   1 
HETATM 545 O  O   . HOH E 4 .  ? -4.655  3.202   7.275   1.00 42.45 ? 77  HOH A O   1 
HETATM 546 O  O   . HOH E 4 .  ? 5.420   -17.727 -8.947  1.00 55.45 ? 78  HOH A O   1 
HETATM 547 O  O   . HOH E 4 .  ? -8.491  6.357   -4.129  1.00 44.52 ? 79  HOH A O   1 
HETATM 548 O  O   . HOH E 4 .  ? 12.315  5.979   3.608   1.00 46.43 ? 80  HOH A O   1 
HETATM 549 O  O   . HOH E 4 .  ? -10.284 -0.787  1.810   1.00 72.86 ? 81  HOH A O   1 
HETATM 550 O  O   . HOH E 4 .  ? 0.803   -13.321 1.872   1.00 41.81 ? 82  HOH A O   1 
HETATM 551 O  O   . HOH E 4 .  ? -8.704  -9.017  -1.734  1.00 38.84 ? 83  HOH A O   1 
HETATM 552 O  O   . HOH E 4 .  ? 0.682   -7.570  -12.488 1.00 44.40 ? 84  HOH A O   1 
HETATM 553 O  O   . HOH E 4 .  ? -11.414 -6.470  7.545   1.00 60.19 ? 85  HOH A O   1 
HETATM 554 O  O   . HOH E 4 .  ? 4.682   -13.227 0.757   1.00 46.10 ? 86  HOH A O   1 
HETATM 555 O  O   . HOH E 4 .  ? -2.673  8.520   -8.074  1.00 39.60 ? 87  HOH A O   1 
HETATM 556 O  O   . HOH E 4 .  ? 13.699  -6.243  -3.032  1.00 58.90 ? 88  HOH A O   1 
HETATM 557 O  O   . HOH E 4 .  ? -5.693  15.342  11.508  1.00 55.75 ? 89  HOH A O   1 
HETATM 558 O  O   . HOH E 4 .  ? -6.065  19.495  10.276  1.00 46.03 ? 90  HOH A O   1 
HETATM 559 O  O   . HOH E 4 .  ? 5.748   -7.406  3.560   1.00 48.88 ? 91  HOH A O   1 
HETATM 560 O  O   . HOH E 4 .  ? -8.842  -5.245  -8.386  1.00 32.53 ? 92  HOH A O   1 
HETATM 561 O  O   . HOH E 4 .  ? 1.928   14.674  12.963  1.00 61.65 ? 93  HOH A O   1 
HETATM 562 O  O   . HOH E 4 .  ? 0.332   -3.690  -13.063 1.00 47.94 ? 94  HOH A O   1 
HETATM 563 O  O   . HOH E 4 .  ? 1.298   -15.617 0.266   1.00 45.71 ? 95  HOH A O   1 
HETATM 564 O  O   . HOH E 4 .  ? 12.058  5.764   -0.865  1.00 70.15 ? 96  HOH A O   1 
HETATM 565 O  O   . HOH E 4 .  ? 8.841   8.053   1.002   1.00 39.71 ? 97  HOH A O   1 
HETATM 566 O  O   . HOH E 4 .  ? 2.138   -14.864 -2.105  1.00 43.62 ? 98  HOH A O   1 
HETATM 567 O  O   . HOH E 4 .  ? -0.974  7.139   11.451  1.00 55.34 ? 99  HOH A O   1 
HETATM 568 O  O   . HOH E 4 .  ? -2.058  18.902  10.466  1.00 60.14 ? 100 HOH A O   1 
HETATM 569 O  O   . HOH E 4 .  ? -10.912 -6.281  2.520   1.00 60.30 ? 101 HOH A O   1 
HETATM 570 O  O   . HOH E 4 .  ? -4.450  18.696  8.401   1.00 44.10 ? 102 HOH A O   1 
HETATM 571 O  O   . HOH E 4 .  ? 0.485   0.572   -13.627 1.00 66.24 ? 103 HOH A O   1 
HETATM 572 O  O   . HOH E 4 .  ? -0.579  -0.310  -11.187 1.00 74.32 ? 104 HOH A O   1 
HETATM 573 O  O   . HOH E 4 .  ? 1.133   3.707   9.323   1.00 59.23 ? 105 HOH A O   1 
HETATM 574 O  O   . HOH E 4 .  ? -11.600 -4.078  4.478   1.00 56.83 ? 106 HOH A O   1 
HETATM 575 O  O   . HOH E 4 .  ? -6.689  1.205   -8.545  1.00 29.58 ? 218 HOH A O   1 
HETATM 576 O  O   . HOH E 4 .  ? 6.139   -10.679 -5.134  1.00 30.90 ? 219 HOH A O   1 
# 
